data_1CVU
#
_entry.id   1CVU
#
_cell.length_a   181.036
_cell.length_b   133.960
_cell.length_c   124.834
_cell.angle_alpha   90.00
_cell.angle_beta   90.00
_cell.angle_gamma   90.00
#
_symmetry.space_group_name_H-M   'I 2 2 2'
#
loop_
_entity.id
_entity.type
_entity.pdbx_description
1 polymer 'PROSTAGLANDIN H2 SYNTHASE-2'
2 polymer 'PROTEIN (9-MER)'
3 branched 2-acetamido-2-deoxy-beta-D-glucopyranose-(1-4)-2-acetamido-2-deoxy-beta-D-glucopyranose
4 branched alpha-D-mannopyranose-(1-6)-alpha-D-mannopyranose-(1-4)-2-acetamido-2-deoxy-beta-D-glucopyranose-(1-4)-2-acetamido-2-deoxy-beta-D-glucopyranose
5 non-polymer 2-acetamido-2-deoxy-beta-D-glucopyranose
6 non-polymer 'octyl beta-D-glucopyranoside'
7 non-polymer 'ARACHIDONIC ACID'
8 water water
#
loop_
_entity_poly.entity_id
_entity_poly.type
_entity_poly.pdbx_seq_one_letter_code
_entity_poly.pdbx_strand_id
1 'polypeptide(L)'
;ANPCCSNPCQNRGECMSTGFDQYKCDCTRTGFYGENCTTPEFLTRIKLLLKPTPNTVHYILTHFKGVWNIVNNIPFLRSL
IMKYVLTSRSYLIDSPPTYNVHYGYKSWEAFSNLSYYTRALPPVADDCPTPMGVKGNKELPDSKEVLEKVLLRREFIPDP
QGSNMMFAFFAQHFTAQFFKTDHKRGPGFTRGLGHGVDLNHIYGETLDRQHKLRLFKDGKLKYQVIGGEVYPPTVKDTQV
EMIYPPHIPENLQFAVGQEVFGLVPGLMMYATIWLREHQRVCDILKQEHPEWGDEQLFQTSKLILIGETIKIVIEDYVQH
LSGYHFKLKFDPELLFNQQFQYQNRIASEFNTLYHWHPLLPDTFNIEDQEYSFKQFLYNNSILLEHGLTQFVESFTRQIA
GRVAGGRNVPIAVQAVAKASIDQSREMKYQSLNEYRKRFSLKPYTSFEELTGEKEMAAELKALYSDIDVMELYPALLVEK
PRPDAIFGETMVELGAPFSLKGLMGNPICSPQYWKPSTFGGEVGFKIINTASIQSLICNNVKGCPFTSFNVQ
;
A,B
2 'polypeptide(L)' TKTATINAS F
#
loop_
_chem_comp.id
_chem_comp.type
_chem_comp.name
_chem_comp.formula
ACD non-polymer 'ARACHIDONIC ACID' 'C20 H32 O2'
BOG D-saccharide 'octyl beta-D-glucopyranoside' 'C14 H28 O6'
MAN D-saccharide, alpha linking alpha-D-mannopyranose 'C6 H12 O6'
NAG D-saccharide, beta linking 2-acetamido-2-deoxy-beta-D-glucopyranose 'C8 H15 N O6'
#
# COMPACT_ATOMS: atom_id res chain seq x y z
N ALA A 1 -25.12 21.23 -12.10
CA ALA A 1 -24.62 22.63 -12.17
C ALA A 1 -23.10 22.64 -12.18
N ASN A 2 -22.50 21.57 -11.65
CA ASN A 2 -21.06 21.46 -11.62
C ASN A 2 -20.53 21.61 -13.05
N PRO A 3 -19.73 22.66 -13.29
CA PRO A 3 -19.15 22.93 -14.62
C PRO A 3 -18.40 21.76 -15.24
N CYS A 4 -18.16 20.73 -14.44
CA CYS A 4 -17.44 19.58 -14.95
C CYS A 4 -18.38 18.44 -15.30
N CYS A 5 -19.67 18.68 -15.20
CA CYS A 5 -20.67 17.66 -15.50
C CYS A 5 -20.59 17.05 -16.90
N SER A 6 -20.07 17.80 -17.87
CA SER A 6 -19.98 17.29 -19.23
C SER A 6 -18.70 16.49 -19.52
N ASN A 7 -17.88 16.30 -18.51
CA ASN A 7 -16.62 15.57 -18.69
C ASN A 7 -15.89 16.21 -19.85
N PRO A 8 -15.69 17.53 -19.79
CA PRO A 8 -15.01 18.28 -20.85
C PRO A 8 -13.56 17.91 -21.14
N CYS A 9 -12.78 17.64 -20.10
CA CYS A 9 -11.37 17.32 -20.29
C CYS A 9 -11.12 15.96 -20.87
N GLN A 10 -10.40 15.95 -21.98
CA GLN A 10 -10.06 14.72 -22.69
C GLN A 10 -8.68 14.20 -22.34
N ASN A 11 -8.36 13.05 -22.89
CA ASN A 11 -7.06 12.43 -22.71
C ASN A 11 -6.53 12.35 -21.29
N ARG A 12 -7.44 12.10 -20.36
CA ARG A 12 -7.10 11.98 -18.95
C ARG A 12 -6.81 13.27 -18.22
N GLY A 13 -6.98 14.40 -18.91
CA GLY A 13 -6.77 15.68 -18.25
C GLY A 13 -7.84 15.75 -17.17
N GLU A 14 -7.55 16.43 -16.06
CA GLU A 14 -8.53 16.53 -14.97
C GLU A 14 -9.31 17.83 -14.93
N CYS A 15 -10.61 17.72 -14.72
CA CYS A 15 -11.48 18.87 -14.66
C CYS A 15 -11.65 19.39 -13.25
N MET A 16 -11.49 20.69 -13.08
CA MET A 16 -11.66 21.32 -11.78
C MET A 16 -12.49 22.58 -11.98
N SER A 17 -13.43 22.84 -11.08
CA SER A 17 -14.26 24.03 -11.21
C SER A 17 -13.41 25.21 -10.78
N THR A 18 -13.58 26.33 -11.47
CA THR A 18 -12.83 27.52 -11.13
C THR A 18 -13.78 28.63 -10.74
N GLY A 19 -15.05 28.30 -10.67
CA GLY A 19 -16.07 29.27 -10.30
C GLY A 19 -17.37 28.52 -10.43
N PHE A 20 -18.49 29.14 -10.12
CA PHE A 20 -19.76 28.44 -10.22
C PHE A 20 -20.03 27.87 -11.61
N ASP A 21 -19.70 28.64 -12.64
CA ASP A 21 -19.96 28.20 -14.00
C ASP A 21 -18.70 28.18 -14.86
N GLN A 22 -17.59 27.76 -14.29
CA GLN A 22 -16.36 27.70 -15.05
C GLN A 22 -15.52 26.52 -14.60
N TYR A 23 -14.68 26.02 -15.49
CA TYR A 23 -13.84 24.90 -15.16
C TYR A 23 -12.48 25.11 -15.77
N LYS A 24 -11.56 24.21 -15.45
CA LYS A 24 -10.20 24.28 -15.97
C LYS A 24 -9.75 22.83 -16.08
N CYS A 25 -8.98 22.52 -17.12
CA CYS A 25 -8.48 21.16 -17.27
C CYS A 25 -7.01 21.15 -16.93
N ASP A 26 -6.61 20.16 -16.16
CA ASP A 26 -5.22 19.99 -15.76
C ASP A 26 -4.68 18.93 -16.71
N CYS A 27 -3.97 19.37 -17.74
CA CYS A 27 -3.44 18.44 -18.73
C CYS A 27 -2.08 17.87 -18.38
N THR A 28 -1.66 18.04 -17.14
CA THR A 28 -0.36 17.55 -16.69
C THR A 28 -0.09 16.12 -17.11
N ARG A 29 1.07 15.91 -17.73
CA ARG A 29 1.48 14.59 -18.16
C ARG A 29 0.52 13.86 -19.10
N THR A 30 -0.47 14.57 -19.63
CA THR A 30 -1.43 13.94 -20.54
C THR A 30 -0.88 13.79 -21.97
N GLY A 31 0.17 14.54 -22.29
CA GLY A 31 0.75 14.48 -23.61
C GLY A 31 -0.01 15.40 -24.56
N PHE A 32 -0.99 16.12 -24.00
CA PHE A 32 -1.83 17.05 -24.76
C PHE A 32 -1.92 18.36 -23.99
N TYR A 33 -2.54 19.35 -24.62
CA TYR A 33 -2.75 20.64 -23.99
C TYR A 33 -3.98 21.30 -24.63
N GLY A 34 -4.32 22.48 -24.15
CA GLY A 34 -5.49 23.15 -24.68
C GLY A 34 -6.56 23.11 -23.61
N GLU A 35 -7.55 23.96 -23.75
CA GLU A 35 -8.63 24.02 -22.79
C GLU A 35 -9.11 22.65 -22.35
N ASN A 36 -9.19 21.71 -23.28
CA ASN A 36 -9.68 20.38 -22.97
C ASN A 36 -8.65 19.28 -23.16
N CYS A 37 -7.38 19.66 -23.13
CA CYS A 37 -6.27 18.71 -23.32
C CYS A 37 -6.50 17.92 -24.59
N THR A 38 -6.79 18.63 -25.66
CA THR A 38 -7.06 17.96 -26.92
C THR A 38 -5.95 18.15 -27.93
N THR A 39 -5.15 19.21 -27.78
CA THR A 39 -4.06 19.45 -28.70
C THR A 39 -2.85 18.59 -28.33
N PRO A 40 -2.51 17.60 -29.18
CA PRO A 40 -1.39 16.69 -28.95
C PRO A 40 -0.06 17.33 -29.14
N GLU A 41 0.90 16.92 -28.32
CA GLU A 41 2.24 17.43 -28.43
C GLU A 41 2.88 16.67 -29.56
N PHE A 42 4.03 17.12 -30.02
CA PHE A 42 4.71 16.44 -31.12
C PHE A 42 4.90 14.93 -30.95
N LEU A 43 5.61 14.53 -29.90
CA LEU A 43 5.86 13.11 -29.69
C LEU A 43 4.56 12.32 -29.55
N THR A 44 3.54 12.97 -29.02
CA THR A 44 2.25 12.32 -28.86
C THR A 44 1.75 12.01 -30.26
N ARG A 45 1.80 13.01 -31.13
CA ARG A 45 1.38 12.83 -32.50
C ARG A 45 2.07 11.61 -33.07
N ILE A 46 3.39 11.52 -32.85
CA ILE A 46 4.19 10.39 -33.34
C ILE A 46 3.68 9.06 -32.77
N LYS A 47 3.70 8.95 -31.45
CA LYS A 47 3.25 7.77 -30.75
C LYS A 47 1.87 7.28 -31.19
N LEU A 48 0.95 8.22 -31.39
CA LEU A 48 -0.42 7.87 -31.79
C LEU A 48 -0.44 7.23 -33.16
N LEU A 49 0.43 7.72 -34.03
CA LEU A 49 0.52 7.23 -35.40
C LEU A 49 1.13 5.84 -35.43
N LEU A 50 1.87 5.51 -34.39
CA LEU A 50 2.55 4.23 -34.33
C LEU A 50 1.91 3.18 -33.43
N LYS A 51 0.83 3.55 -32.77
CA LYS A 51 0.18 2.59 -31.91
C LYS A 51 -0.92 1.86 -32.67
N PRO A 52 -0.82 0.53 -32.76
CA PRO A 52 -1.82 -0.26 -33.47
C PRO A 52 -3.04 -0.41 -32.57
N THR A 53 -4.22 -0.55 -33.14
CA THR A 53 -5.43 -0.69 -32.36
C THR A 53 -5.52 -2.04 -31.66
N PRO A 54 -6.29 -2.11 -30.57
CA PRO A 54 -6.42 -3.38 -29.87
C PRO A 54 -6.88 -4.52 -30.77
N ASN A 55 -7.72 -4.21 -31.76
CA ASN A 55 -8.23 -5.25 -32.66
C ASN A 55 -7.17 -5.75 -33.63
N THR A 56 -6.27 -4.88 -34.02
CA THR A 56 -5.19 -5.24 -34.91
C THR A 56 -4.27 -6.18 -34.13
N VAL A 57 -3.97 -5.80 -32.89
CA VAL A 57 -3.10 -6.59 -32.04
C VAL A 57 -3.75 -7.92 -31.73
N HIS A 58 -5.05 -7.90 -31.47
CA HIS A 58 -5.77 -9.11 -31.16
C HIS A 58 -5.75 -10.04 -32.36
N TYR A 59 -5.82 -9.45 -33.54
CA TYR A 59 -5.81 -10.23 -34.75
C TYR A 59 -4.48 -10.97 -34.87
N ILE A 60 -3.40 -10.21 -34.81
CA ILE A 60 -2.06 -10.77 -34.92
C ILE A 60 -1.82 -11.91 -33.92
N LEU A 61 -2.27 -11.72 -32.68
CA LEU A 61 -2.09 -12.70 -31.59
C LEU A 61 -2.92 -13.96 -31.80
N THR A 62 -3.96 -13.86 -32.63
CA THR A 62 -4.84 -14.99 -32.91
C THR A 62 -4.68 -15.54 -34.32
N HIS A 63 -3.57 -15.22 -34.98
CA HIS A 63 -3.31 -15.73 -36.31
C HIS A 63 -1.84 -16.07 -36.40
N PHE A 64 -1.38 -16.53 -37.56
CA PHE A 64 0.02 -16.87 -37.73
C PHE A 64 0.41 -17.88 -36.66
N LYS A 65 -0.47 -18.84 -36.43
CA LYS A 65 -0.21 -19.85 -35.42
C LYS A 65 1.15 -20.49 -35.60
N GLY A 66 1.58 -20.58 -36.85
CA GLY A 66 2.86 -21.18 -37.16
C GLY A 66 4.06 -20.48 -36.55
N VAL A 67 4.08 -19.16 -36.67
CA VAL A 67 5.19 -18.38 -36.11
C VAL A 67 5.07 -18.36 -34.59
N TRP A 68 3.84 -18.28 -34.11
CA TRP A 68 3.61 -18.27 -32.67
C TRP A 68 4.18 -19.55 -32.08
N ASN A 69 4.23 -20.58 -32.91
CA ASN A 69 4.76 -21.85 -32.48
C ASN A 69 6.25 -21.79 -32.23
N ILE A 70 6.98 -21.17 -33.15
CA ILE A 70 8.42 -21.05 -33.01
C ILE A 70 8.68 -20.15 -31.79
N VAL A 71 7.94 -19.05 -31.71
CA VAL A 71 8.09 -18.10 -30.61
C VAL A 71 7.85 -18.78 -29.28
N ASN A 72 6.73 -19.48 -29.17
CA ASN A 72 6.38 -20.17 -27.94
C ASN A 72 7.50 -21.12 -27.50
N ASN A 73 8.42 -21.44 -28.42
CA ASN A 73 9.50 -22.34 -28.10
C ASN A 73 10.88 -21.70 -28.05
N ILE A 74 10.89 -20.37 -28.10
CA ILE A 74 12.13 -19.61 -28.02
C ILE A 74 12.00 -18.76 -26.77
N PRO A 75 12.31 -19.34 -25.61
CA PRO A 75 12.24 -18.72 -24.29
C PRO A 75 12.53 -17.23 -24.32
N PHE A 76 13.62 -16.86 -24.95
CA PHE A 76 13.97 -15.46 -25.03
C PHE A 76 12.88 -14.66 -25.71
N LEU A 77 12.37 -15.21 -26.81
CA LEU A 77 11.33 -14.56 -27.59
C LEU A 77 10.03 -14.48 -26.82
N ARG A 78 9.63 -15.63 -26.28
CA ARG A 78 8.40 -15.72 -25.51
C ARG A 78 8.42 -14.69 -24.38
N SER A 79 9.54 -14.60 -23.68
CA SER A 79 9.66 -13.66 -22.59
C SER A 79 9.53 -12.26 -23.15
N LEU A 80 10.26 -12.01 -24.22
CA LEU A 80 10.23 -10.73 -24.89
C LEU A 80 8.79 -10.31 -25.18
N ILE A 81 8.04 -11.22 -25.79
CA ILE A 81 6.65 -10.93 -26.13
C ILE A 81 5.80 -10.70 -24.89
N MET A 82 5.91 -11.58 -23.90
CA MET A 82 5.11 -11.44 -22.68
C MET A 82 5.38 -10.11 -22.02
N LYS A 83 6.60 -9.64 -22.15
CA LYS A 83 6.97 -8.36 -21.58
C LYS A 83 6.16 -7.24 -22.25
N TYR A 84 6.06 -7.30 -23.58
CA TYR A 84 5.32 -6.29 -24.33
C TYR A 84 3.87 -6.25 -23.87
N VAL A 85 3.25 -7.43 -23.79
CA VAL A 85 1.85 -7.49 -23.40
C VAL A 85 1.65 -6.97 -22.00
N LEU A 86 2.65 -7.19 -21.15
CA LEU A 86 2.61 -6.72 -19.77
C LEU A 86 2.73 -5.20 -19.72
N THR A 87 3.80 -4.68 -20.27
CA THR A 87 4.00 -3.24 -20.24
C THR A 87 3.01 -2.48 -21.09
N SER A 88 2.43 -3.12 -22.10
CA SER A 88 1.46 -2.41 -22.95
C SER A 88 0.22 -2.03 -22.13
N ARG A 89 -0.06 -2.80 -21.09
CA ARG A 89 -1.22 -2.55 -20.24
C ARG A 89 -0.88 -1.48 -19.21
N SER A 90 0.28 -1.68 -18.57
CA SER A 90 0.80 -0.80 -17.53
C SER A 90 0.23 0.60 -17.39
N TYR A 91 0.62 1.51 -18.26
CA TYR A 91 0.18 2.90 -18.14
C TYR A 91 -1.32 3.17 -17.96
N LEU A 92 -2.15 2.14 -17.84
CA LEU A 92 -3.59 2.36 -17.73
C LEU A 92 -4.24 2.60 -16.37
N ILE A 93 -3.82 1.87 -15.34
CA ILE A 93 -4.44 2.02 -14.01
C ILE A 93 -3.77 3.01 -13.06
N ASP A 94 -4.58 3.76 -12.33
CA ASP A 94 -4.06 4.71 -11.37
C ASP A 94 -3.61 3.96 -10.14
N SER A 95 -2.33 4.02 -9.85
CA SER A 95 -1.78 3.33 -8.69
C SER A 95 -0.54 4.05 -8.16
N PRO A 96 -0.60 4.61 -6.93
CA PRO A 96 -1.67 4.65 -5.93
C PRO A 96 -3.04 5.05 -6.49
N PRO A 97 -4.11 4.48 -5.93
CA PRO A 97 -5.49 4.73 -6.35
C PRO A 97 -5.98 6.16 -6.10
N THR A 98 -7.04 6.53 -6.82
CA THR A 98 -7.61 7.87 -6.72
C THR A 98 -9.06 7.94 -6.21
N TYR A 99 -10.04 7.97 -7.14
CA TYR A 99 -11.46 8.10 -6.80
C TYR A 99 -12.18 6.89 -6.26
N ASN A 100 -13.38 7.15 -5.76
CA ASN A 100 -14.28 6.12 -5.27
C ASN A 100 -15.70 6.65 -5.37
N VAL A 101 -16.68 5.84 -4.96
CA VAL A 101 -18.06 6.28 -5.07
C VAL A 101 -18.33 7.67 -4.55
N HIS A 102 -17.71 8.02 -3.42
CA HIS A 102 -17.95 9.31 -2.81
C HIS A 102 -17.03 10.44 -3.15
N TYR A 103 -15.92 10.16 -3.81
CA TYR A 103 -15.00 11.22 -4.15
C TYR A 103 -14.68 11.31 -5.62
N GLY A 104 -15.15 12.40 -6.22
CA GLY A 104 -14.91 12.64 -7.62
C GLY A 104 -13.63 13.44 -7.77
N TYR A 105 -12.94 13.65 -6.66
CA TYR A 105 -11.66 14.36 -6.67
C TYR A 105 -10.74 13.66 -5.67
N LYS A 106 -9.42 13.69 -5.88
CA LYS A 106 -8.50 13.03 -4.94
C LYS A 106 -8.62 13.60 -3.55
N SER A 107 -8.58 12.72 -2.56
CA SER A 107 -8.69 13.13 -1.18
C SER A 107 -7.97 12.07 -0.35
N TRP A 108 -7.59 12.42 0.86
CA TRP A 108 -6.91 11.45 1.68
C TRP A 108 -7.90 10.38 2.12
N GLU A 109 -9.18 10.74 2.19
CA GLU A 109 -10.19 9.77 2.59
C GLU A 109 -10.30 8.70 1.50
N ALA A 110 -10.41 9.13 0.24
CA ALA A 110 -10.50 8.20 -0.88
C ALA A 110 -9.26 7.33 -0.92
N PHE A 111 -8.09 7.91 -0.70
CA PHE A 111 -6.88 7.11 -0.72
C PHE A 111 -6.76 6.11 0.42
N SER A 112 -6.94 6.59 1.65
CA SER A 112 -6.73 5.73 2.81
C SER A 112 -7.79 4.73 3.15
N ASN A 113 -9.04 5.04 2.85
CA ASN A 113 -10.08 4.11 3.23
C ASN A 113 -10.16 2.86 2.38
N LEU A 114 -9.63 1.77 2.91
CA LEU A 114 -9.63 0.50 2.19
C LEU A 114 -10.97 -0.20 2.07
N SER A 115 -12.01 0.38 2.66
CA SER A 115 -13.33 -0.23 2.63
C SER A 115 -14.08 0.03 1.35
N TYR A 116 -13.54 0.93 0.53
CA TYR A 116 -14.14 1.32 -0.73
C TYR A 116 -13.51 0.59 -1.89
N TYR A 117 -14.29 0.40 -2.96
CA TYR A 117 -13.71 -0.17 -4.16
C TYR A 117 -13.16 1.13 -4.74
N THR A 118 -12.04 1.10 -5.46
CA THR A 118 -11.55 2.32 -6.04
C THR A 118 -12.30 2.51 -7.36
N ARG A 119 -12.12 3.65 -8.04
CA ARG A 119 -12.83 3.90 -9.29
C ARG A 119 -11.91 4.33 -10.44
N ALA A 120 -12.05 3.68 -11.58
CA ALA A 120 -11.26 4.02 -12.76
C ALA A 120 -11.68 5.40 -13.27
N LEU A 121 -12.99 5.70 -13.18
CA LEU A 121 -13.49 7.02 -13.59
C LEU A 121 -14.30 7.53 -12.40
N PRO A 122 -14.14 8.82 -12.03
CA PRO A 122 -14.88 9.39 -10.91
C PRO A 122 -16.40 9.31 -11.10
N PRO A 123 -17.17 9.36 -10.00
CA PRO A 123 -18.62 9.30 -10.18
C PRO A 123 -19.13 10.57 -10.85
N VAL A 124 -20.37 10.52 -11.35
CA VAL A 124 -20.96 11.71 -11.97
C VAL A 124 -21.44 12.52 -10.76
N ALA A 125 -21.01 13.78 -10.67
CA ALA A 125 -21.40 14.65 -9.55
C ALA A 125 -22.90 14.64 -9.34
N ASP A 126 -23.32 14.57 -8.08
CA ASP A 126 -24.74 14.54 -7.74
C ASP A 126 -25.57 15.67 -8.30
N ASP A 127 -24.98 16.84 -8.50
CA ASP A 127 -25.77 17.95 -9.00
C ASP A 127 -25.89 18.07 -10.51
N CYS A 128 -25.40 17.08 -11.25
CA CYS A 128 -25.48 17.13 -12.71
C CYS A 128 -26.94 16.97 -13.10
N PRO A 129 -27.35 17.61 -14.22
CA PRO A 129 -28.72 17.56 -14.74
C PRO A 129 -29.18 16.16 -15.11
N THR A 130 -28.39 15.48 -15.93
CA THR A 130 -28.71 14.12 -16.34
C THR A 130 -27.79 13.14 -15.66
N PRO A 131 -28.20 11.86 -15.60
CA PRO A 131 -27.43 10.77 -14.97
C PRO A 131 -26.01 10.59 -15.51
N MET A 132 -25.80 10.86 -16.80
CA MET A 132 -24.48 10.69 -17.37
C MET A 132 -23.70 12.00 -17.37
N GLY A 133 -24.31 13.02 -16.78
CA GLY A 133 -23.69 14.33 -16.73
C GLY A 133 -24.67 15.36 -17.23
N VAL A 134 -24.63 15.62 -18.53
CA VAL A 134 -25.55 16.58 -19.15
C VAL A 134 -26.25 15.97 -20.37
N LYS A 135 -25.85 14.77 -20.78
CA LYS A 135 -26.46 14.11 -21.94
C LYS A 135 -27.57 13.17 -21.52
N GLY A 136 -28.48 12.88 -22.46
CA GLY A 136 -29.60 12.00 -22.18
C GLY A 136 -30.75 12.70 -21.48
N ASN A 137 -31.66 11.93 -20.91
CA ASN A 137 -32.81 12.50 -20.22
C ASN A 137 -32.60 12.52 -18.73
N LYS A 138 -33.51 13.18 -18.01
CA LYS A 138 -33.41 13.27 -16.57
C LYS A 138 -33.31 11.86 -16.01
N GLU A 139 -33.69 10.88 -16.83
CA GLU A 139 -33.65 9.50 -16.39
C GLU A 139 -33.12 8.55 -17.46
N LEU A 140 -32.45 7.50 -17.00
CA LEU A 140 -31.91 6.47 -17.88
C LEU A 140 -33.10 5.54 -18.12
N PRO A 141 -33.08 4.77 -19.21
CA PRO A 141 -34.19 3.83 -19.51
C PRO A 141 -34.39 2.73 -18.48
N ASP A 142 -35.65 2.38 -18.26
CA ASP A 142 -36.03 1.32 -17.32
C ASP A 142 -35.09 0.13 -17.46
N SER A 143 -34.51 -0.31 -16.36
CA SER A 143 -33.56 -1.43 -16.38
C SER A 143 -34.21 -2.76 -16.69
N LYS A 144 -35.49 -2.90 -16.36
CA LYS A 144 -36.22 -4.12 -16.65
C LYS A 144 -36.36 -4.24 -18.16
N GLU A 145 -36.63 -3.09 -18.79
CA GLU A 145 -36.79 -3.02 -20.24
C GLU A 145 -35.50 -3.43 -20.95
N VAL A 146 -34.39 -2.84 -20.52
CA VAL A 146 -33.08 -3.14 -21.10
C VAL A 146 -32.79 -4.62 -20.85
N LEU A 147 -33.00 -5.05 -19.62
CA LEU A 147 -32.79 -6.43 -19.23
C LEU A 147 -33.47 -7.39 -20.20
N GLU A 148 -34.79 -7.30 -20.28
CA GLU A 148 -35.58 -8.18 -21.15
C GLU A 148 -35.32 -8.06 -22.65
N LYS A 149 -35.38 -6.84 -23.16
CA LYS A 149 -35.18 -6.62 -24.58
C LYS A 149 -33.85 -7.12 -25.13
N VAL A 150 -32.76 -6.90 -24.42
CA VAL A 150 -31.47 -7.29 -24.95
C VAL A 150 -30.54 -8.12 -24.08
N LEU A 151 -30.91 -8.35 -22.82
CA LEU A 151 -30.01 -9.12 -21.97
C LEU A 151 -30.48 -10.54 -21.71
N LEU A 152 -31.77 -10.72 -21.47
CA LEU A 152 -32.28 -12.05 -21.16
C LEU A 152 -32.06 -13.07 -22.27
N ARG A 153 -31.85 -14.31 -21.84
CA ARG A 153 -31.60 -15.42 -22.74
C ARG A 153 -32.89 -16.04 -23.24
N ARG A 154 -32.96 -16.28 -24.54
CA ARG A 154 -34.12 -16.96 -25.10
C ARG A 154 -33.60 -18.39 -25.27
N GLU A 155 -32.72 -18.60 -26.23
CA GLU A 155 -32.13 -19.92 -26.44
C GLU A 155 -30.67 -19.83 -25.98
N PHE A 156 -30.20 -20.87 -25.28
CA PHE A 156 -28.84 -20.89 -24.81
C PHE A 156 -27.88 -20.65 -25.97
N ILE A 157 -26.97 -19.68 -25.81
CA ILE A 157 -25.98 -19.39 -26.84
C ILE A 157 -24.68 -19.88 -26.26
N PRO A 158 -24.14 -21.00 -26.77
CA PRO A 158 -22.89 -21.55 -26.26
C PRO A 158 -21.69 -20.68 -26.60
N ASP A 159 -20.69 -20.67 -25.72
CA ASP A 159 -19.49 -19.88 -25.93
C ASP A 159 -18.66 -20.51 -27.04
N PRO A 160 -18.40 -19.74 -28.11
CA PRO A 160 -17.61 -20.26 -29.22
C PRO A 160 -16.20 -20.70 -28.82
N GLN A 161 -15.65 -20.11 -27.76
CA GLN A 161 -14.30 -20.47 -27.32
C GLN A 161 -14.22 -21.76 -26.51
N GLY A 162 -15.37 -22.37 -26.26
CA GLY A 162 -15.41 -23.62 -25.53
C GLY A 162 -15.33 -23.60 -24.02
N SER A 163 -15.51 -22.44 -23.39
CA SER A 163 -15.46 -22.37 -21.93
C SER A 163 -16.40 -23.42 -21.33
N ASN A 164 -15.98 -24.07 -20.25
CA ASN A 164 -16.82 -25.08 -19.61
C ASN A 164 -17.22 -24.69 -18.18
N MET A 165 -17.77 -25.65 -17.44
CA MET A 165 -18.19 -25.37 -16.08
C MET A 165 -17.01 -25.31 -15.11
N MET A 166 -15.88 -25.90 -15.50
CA MET A 166 -14.70 -25.85 -14.66
C MET A 166 -14.27 -24.39 -14.65
N PHE A 167 -14.32 -23.77 -15.83
CA PHE A 167 -13.93 -22.37 -15.97
C PHE A 167 -14.93 -21.44 -15.29
N ALA A 168 -16.21 -21.67 -15.52
CA ALA A 168 -17.23 -20.82 -14.92
C ALA A 168 -17.15 -20.79 -13.39
N PHE A 169 -16.97 -21.94 -12.76
CA PHE A 169 -16.90 -21.99 -11.32
C PHE A 169 -15.56 -21.50 -10.80
N PHE A 170 -14.50 -21.65 -11.59
CA PHE A 170 -13.20 -21.15 -11.15
C PHE A 170 -13.26 -19.63 -11.11
N ALA A 171 -13.93 -19.05 -12.11
CA ALA A 171 -14.07 -17.59 -12.20
C ALA A 171 -14.79 -17.09 -10.97
N GLN A 172 -15.82 -17.82 -10.58
CA GLN A 172 -16.59 -17.45 -9.44
C GLN A 172 -15.85 -17.62 -8.12
N HIS A 173 -15.18 -18.76 -7.97
CA HIS A 173 -14.43 -19.06 -6.77
C HIS A 173 -13.24 -18.09 -6.63
N PHE A 174 -12.44 -18.00 -7.68
CA PHE A 174 -11.29 -17.12 -7.67
C PHE A 174 -11.63 -15.67 -7.32
N THR A 175 -12.50 -15.04 -8.11
CA THR A 175 -12.84 -13.64 -7.89
C THR A 175 -13.60 -13.36 -6.59
N ALA A 176 -14.08 -14.42 -5.94
CA ALA A 176 -14.80 -14.27 -4.69
C ALA A 176 -13.89 -13.78 -3.54
N GLN A 177 -12.58 -13.90 -3.72
CA GLN A 177 -11.66 -13.45 -2.67
C GLN A 177 -11.48 -11.94 -2.71
N PHE A 178 -11.68 -11.32 -3.88
CA PHE A 178 -11.53 -9.88 -3.93
C PHE A 178 -12.77 -9.08 -4.30
N PHE A 179 -13.84 -9.75 -4.72
CA PHE A 179 -15.08 -9.03 -5.02
C PHE A 179 -15.97 -9.48 -3.88
N LYS A 180 -15.91 -8.78 -2.76
CA LYS A 180 -16.73 -9.13 -1.61
C LYS A 180 -17.45 -7.89 -1.16
N THR A 181 -18.44 -7.51 -1.95
CA THR A 181 -19.20 -6.32 -1.68
C THR A 181 -19.81 -6.30 -0.28
N ASP A 182 -19.61 -5.17 0.40
CA ASP A 182 -20.11 -4.95 1.77
C ASP A 182 -21.52 -4.39 1.68
N HIS A 183 -22.48 -5.27 1.43
CA HIS A 183 -23.89 -4.90 1.28
C HIS A 183 -24.46 -3.95 2.34
N LYS A 184 -24.03 -4.09 3.59
CA LYS A 184 -24.53 -3.22 4.67
C LYS A 184 -24.08 -1.78 4.44
N ARG A 185 -23.03 -1.60 3.66
CA ARG A 185 -22.53 -0.27 3.38
C ARG A 185 -22.91 0.25 1.98
N GLY A 186 -22.95 -0.66 0.99
CA GLY A 186 -23.28 -0.25 -0.35
C GLY A 186 -22.49 -0.93 -1.44
N PRO A 187 -22.96 -0.80 -2.68
CA PRO A 187 -22.28 -1.43 -3.82
C PRO A 187 -20.82 -0.96 -4.04
N GLY A 188 -20.51 0.26 -3.60
CA GLY A 188 -19.16 0.78 -3.78
C GLY A 188 -18.20 0.45 -2.66
N PHE A 189 -18.59 -0.46 -1.76
CA PHE A 189 -17.76 -0.86 -0.63
C PHE A 189 -17.43 -2.33 -0.68
N THR A 190 -16.28 -2.70 -0.12
CA THR A 190 -15.85 -4.10 -0.12
C THR A 190 -15.38 -4.59 1.24
N ARG A 191 -15.40 -5.89 1.43
CA ARG A 191 -14.93 -6.44 2.69
C ARG A 191 -13.57 -7.08 2.50
N GLY A 192 -13.11 -7.10 1.26
CA GLY A 192 -11.82 -7.67 0.95
C GLY A 192 -10.76 -6.59 1.05
N LEU A 193 -10.35 -6.30 2.28
CA LEU A 193 -9.37 -5.27 2.52
C LEU A 193 -7.99 -5.62 1.97
N GLY A 194 -7.83 -6.85 1.51
CA GLY A 194 -6.56 -7.25 0.94
C GLY A 194 -6.45 -6.74 -0.48
N HIS A 195 -7.58 -6.45 -1.10
CA HIS A 195 -7.66 -5.93 -2.47
C HIS A 195 -6.84 -6.73 -3.48
N GLY A 196 -6.96 -8.06 -3.43
CA GLY A 196 -6.22 -8.89 -4.37
C GLY A 196 -6.23 -10.38 -4.07
N VAL A 197 -5.31 -11.07 -4.72
CA VAL A 197 -5.17 -12.51 -4.57
C VAL A 197 -4.43 -12.85 -3.28
N ASP A 198 -5.13 -12.85 -2.15
CA ASP A 198 -4.51 -13.20 -0.88
C ASP A 198 -5.01 -14.54 -0.39
N LEU A 199 -5.95 -15.11 -1.14
CA LEU A 199 -6.52 -16.41 -0.83
C LEU A 199 -7.29 -16.43 0.48
N ASN A 200 -7.94 -15.32 0.81
CA ASN A 200 -8.72 -15.23 2.03
C ASN A 200 -9.98 -16.10 1.92
N HIS A 201 -10.30 -16.52 0.70
CA HIS A 201 -11.49 -17.33 0.49
C HIS A 201 -11.18 -18.76 0.89
N ILE A 202 -9.92 -19.02 1.21
CA ILE A 202 -9.48 -20.34 1.65
C ILE A 202 -9.12 -20.24 3.13
N TYR A 203 -8.32 -19.24 3.46
CA TYR A 203 -7.83 -19.01 4.81
C TYR A 203 -8.64 -18.07 5.73
N GLY A 204 -9.55 -17.28 5.17
CA GLY A 204 -10.33 -16.37 6.00
C GLY A 204 -9.75 -14.97 5.96
N GLU A 205 -10.61 -13.96 6.08
CA GLU A 205 -10.21 -12.56 6.05
C GLU A 205 -9.48 -12.14 7.31
N THR A 206 -9.86 -12.74 8.43
CA THR A 206 -9.29 -12.41 9.72
C THR A 206 -8.50 -13.54 10.35
N LEU A 207 -7.53 -13.15 11.18
CA LEU A 207 -6.68 -14.11 11.87
C LEU A 207 -7.58 -15.01 12.70
N ASP A 208 -8.66 -14.43 13.21
CA ASP A 208 -9.59 -15.18 14.03
C ASP A 208 -10.23 -16.33 13.29
N ARG A 209 -10.62 -16.08 12.05
CA ARG A 209 -11.26 -17.10 11.21
C ARG A 209 -10.23 -18.14 10.83
N GLN A 210 -9.07 -17.65 10.41
CA GLN A 210 -7.96 -18.51 9.99
C GLN A 210 -7.61 -19.49 11.08
N HIS A 211 -7.50 -19.00 12.30
CA HIS A 211 -7.15 -19.86 13.40
C HIS A 211 -8.16 -20.97 13.62
N LYS A 212 -9.44 -20.67 13.43
CA LYS A 212 -10.49 -21.68 13.59
C LYS A 212 -10.46 -22.74 12.50
N LEU A 213 -9.88 -22.40 11.36
CA LEU A 213 -9.81 -23.34 10.23
C LEU A 213 -8.52 -24.15 10.22
N ARG A 214 -7.54 -23.73 11.02
CA ARG A 214 -6.26 -24.43 11.07
C ARG A 214 -6.19 -25.60 12.04
N LEU A 215 -5.36 -26.57 11.69
CA LEU A 215 -5.19 -27.76 12.50
C LEU A 215 -4.15 -27.53 13.59
N PHE A 216 -3.21 -26.63 13.30
CA PHE A 216 -2.10 -26.32 14.20
C PHE A 216 -1.18 -27.51 14.40
N LYS A 217 -1.01 -28.26 13.31
CA LYS A 217 -0.14 -29.43 13.26
C LYS A 217 0.28 -29.54 11.81
N ASP A 218 1.59 -29.51 11.57
CA ASP A 218 2.14 -29.62 10.22
C ASP A 218 1.74 -28.48 9.30
N GLY A 219 1.26 -27.39 9.89
CA GLY A 219 0.87 -26.21 9.14
C GLY A 219 -0.41 -26.37 8.35
N LYS A 220 -1.10 -27.48 8.58
CA LYS A 220 -2.31 -27.81 7.84
C LYS A 220 -3.61 -27.13 8.25
N LEU A 221 -4.62 -27.34 7.41
CA LEU A 221 -5.98 -26.85 7.61
C LEU A 221 -6.79 -28.03 8.16
N LYS A 222 -7.74 -27.76 9.03
CA LYS A 222 -8.59 -28.84 9.55
C LYS A 222 -9.36 -29.42 8.39
N TYR A 223 -9.81 -30.66 8.55
CA TYR A 223 -10.59 -31.33 7.51
C TYR A 223 -11.22 -32.57 8.09
N GLN A 224 -12.26 -33.08 7.44
CA GLN A 224 -12.90 -34.29 7.91
C GLN A 224 -12.74 -35.28 6.78
N VAL A 225 -12.88 -36.56 7.10
CA VAL A 225 -12.76 -37.60 6.11
C VAL A 225 -14.08 -38.34 6.04
N ILE A 226 -14.83 -38.12 4.96
CA ILE A 226 -16.10 -38.78 4.79
C ILE A 226 -15.95 -39.82 3.69
N GLY A 227 -16.28 -41.06 4.01
CA GLY A 227 -16.17 -42.06 2.99
C GLY A 227 -14.78 -42.17 2.40
N GLY A 228 -13.76 -41.96 3.24
CA GLY A 228 -12.40 -42.05 2.78
C GLY A 228 -11.92 -40.83 2.01
N GLU A 229 -12.80 -39.86 1.80
CA GLU A 229 -12.40 -38.68 1.06
C GLU A 229 -12.27 -37.49 1.99
N VAL A 230 -11.30 -36.64 1.70
CA VAL A 230 -11.03 -35.47 2.53
C VAL A 230 -11.92 -34.30 2.15
N TYR A 231 -12.67 -33.80 3.14
CA TYR A 231 -13.55 -32.66 2.93
C TYR A 231 -13.28 -31.64 4.01
N PRO A 232 -13.82 -30.43 3.86
CA PRO A 232 -13.60 -29.39 4.87
C PRO A 232 -14.31 -29.77 6.15
N PRO A 233 -13.92 -29.13 7.28
CA PRO A 233 -14.56 -29.44 8.56
C PRO A 233 -15.93 -28.75 8.56
N THR A 234 -16.75 -29.00 9.58
CA THR A 234 -18.07 -28.39 9.60
C THR A 234 -18.14 -27.16 10.47
N VAL A 235 -19.24 -26.44 10.36
CA VAL A 235 -19.41 -25.25 11.16
C VAL A 235 -19.48 -25.62 12.62
N LYS A 236 -19.95 -26.81 12.91
CA LYS A 236 -20.08 -27.24 14.29
C LYS A 236 -18.72 -27.55 14.86
N ASP A 237 -17.90 -28.24 14.08
CA ASP A 237 -16.57 -28.60 14.51
C ASP A 237 -15.64 -27.40 14.70
N THR A 238 -15.76 -26.41 13.83
CA THR A 238 -14.88 -25.26 13.88
C THR A 238 -15.49 -24.00 14.46
N GLN A 239 -16.76 -23.81 14.17
CA GLN A 239 -17.49 -22.64 14.60
C GLN A 239 -17.19 -21.43 13.74
N VAL A 240 -16.75 -21.66 12.51
CA VAL A 240 -16.53 -20.52 11.66
C VAL A 240 -17.90 -20.28 11.03
N GLU A 241 -18.33 -19.03 11.00
CA GLU A 241 -19.63 -18.67 10.44
C GLU A 241 -19.69 -18.91 8.94
N MET A 242 -20.76 -19.56 8.49
CA MET A 242 -20.96 -19.83 7.07
C MET A 242 -22.39 -19.41 6.76
N ILE A 243 -22.69 -19.17 5.50
CA ILE A 243 -24.04 -18.77 5.06
C ILE A 243 -24.83 -20.02 4.63
N TYR A 244 -25.70 -20.53 5.49
CA TYR A 244 -26.47 -21.73 5.16
C TYR A 244 -27.95 -21.67 5.56
N PRO A 245 -28.86 -22.01 4.63
CA PRO A 245 -30.29 -22.00 4.96
C PRO A 245 -30.57 -22.91 6.18
N PRO A 246 -31.59 -22.57 6.96
CA PRO A 246 -32.02 -23.28 8.17
C PRO A 246 -32.15 -24.80 8.11
N HIS A 247 -32.62 -25.32 6.98
CA HIS A 247 -32.82 -26.76 6.83
C HIS A 247 -31.58 -27.58 6.49
N ILE A 248 -30.43 -26.94 6.34
CA ILE A 248 -29.22 -27.69 6.02
C ILE A 248 -28.66 -28.39 7.24
N PRO A 249 -28.50 -29.72 7.18
CA PRO A 249 -27.98 -30.50 8.30
C PRO A 249 -26.60 -30.01 8.70
N GLU A 250 -26.20 -30.32 9.93
CA GLU A 250 -24.92 -29.90 10.45
C GLU A 250 -23.77 -30.54 9.69
N ASN A 251 -23.89 -31.84 9.43
CA ASN A 251 -22.86 -32.56 8.72
C ASN A 251 -22.63 -32.04 7.31
N LEU A 252 -23.51 -31.17 6.84
CA LEU A 252 -23.32 -30.63 5.51
C LEU A 252 -22.99 -29.14 5.49
N GLN A 253 -22.75 -28.58 6.67
CA GLN A 253 -22.39 -27.18 6.78
C GLN A 253 -20.86 -27.10 6.88
N PHE A 254 -20.21 -27.13 5.73
CA PHE A 254 -18.77 -27.08 5.70
C PHE A 254 -18.24 -25.68 6.05
N ALA A 255 -17.08 -25.65 6.72
CA ALA A 255 -16.46 -24.40 7.12
C ALA A 255 -15.30 -24.14 6.20
N VAL A 256 -15.36 -23.03 5.47
CA VAL A 256 -14.29 -22.67 4.57
C VAL A 256 -13.98 -21.18 4.71
N GLY A 257 -12.91 -20.75 4.06
CA GLY A 257 -12.51 -19.35 4.15
C GLY A 257 -13.61 -18.37 3.84
N GLN A 258 -14.29 -18.59 2.71
CA GLN A 258 -15.38 -17.72 2.30
C GLN A 258 -16.71 -18.31 2.73
N GLU A 259 -17.38 -17.59 3.62
CA GLU A 259 -18.65 -18.04 4.16
C GLU A 259 -19.81 -18.15 3.19
N VAL A 260 -19.56 -17.87 1.92
CA VAL A 260 -20.62 -17.95 0.92
C VAL A 260 -20.53 -19.16 -0.01
N PHE A 261 -19.39 -19.84 0.04
CA PHE A 261 -19.14 -20.99 -0.80
C PHE A 261 -20.02 -22.20 -0.60
N GLY A 262 -20.88 -22.19 0.40
CA GLY A 262 -21.78 -23.32 0.58
C GLY A 262 -23.01 -23.11 -0.30
N LEU A 263 -23.11 -21.93 -0.89
CA LEU A 263 -24.25 -21.61 -1.76
C LEU A 263 -24.30 -22.42 -3.05
N VAL A 264 -23.15 -22.93 -3.49
CA VAL A 264 -23.10 -23.70 -4.73
C VAL A 264 -22.17 -24.89 -4.61
N PRO A 265 -22.64 -26.07 -5.01
CA PRO A 265 -21.73 -27.20 -4.89
C PRO A 265 -20.52 -27.02 -5.79
N GLY A 266 -20.67 -26.17 -6.79
CA GLY A 266 -19.56 -25.94 -7.70
C GLY A 266 -18.44 -25.19 -6.99
N LEU A 267 -18.80 -24.40 -5.99
CA LEU A 267 -17.83 -23.61 -5.23
C LEU A 267 -17.16 -24.46 -4.15
N MET A 268 -17.96 -25.27 -3.47
CA MET A 268 -17.44 -26.14 -2.42
C MET A 268 -16.45 -27.15 -3.00
N MET A 269 -16.57 -27.42 -4.30
CA MET A 269 -15.68 -28.36 -4.98
C MET A 269 -14.27 -27.77 -5.06
N TYR A 270 -14.19 -26.50 -5.44
CA TYR A 270 -12.90 -25.86 -5.52
C TYR A 270 -12.38 -25.65 -4.11
N ALA A 271 -13.27 -25.31 -3.18
CA ALA A 271 -12.85 -25.11 -1.80
C ALA A 271 -12.15 -26.36 -1.29
N THR A 272 -12.70 -27.53 -1.61
CA THR A 272 -12.16 -28.83 -1.20
C THR A 272 -10.84 -29.12 -1.90
N ILE A 273 -10.74 -28.73 -3.17
CA ILE A 273 -9.53 -28.97 -3.94
C ILE A 273 -8.35 -28.17 -3.42
N TRP A 274 -8.56 -26.89 -3.14
CA TRP A 274 -7.49 -26.04 -2.61
C TRP A 274 -7.16 -26.42 -1.17
N LEU A 275 -8.14 -26.80 -0.37
CA LEU A 275 -7.87 -27.21 1.00
C LEU A 275 -6.91 -28.40 0.91
N ARG A 276 -7.25 -29.32 0.01
CA ARG A 276 -6.44 -30.51 -0.22
C ARG A 276 -5.03 -30.10 -0.65
N GLU A 277 -4.95 -29.17 -1.60
CA GLU A 277 -3.66 -28.71 -2.12
C GLU A 277 -2.80 -28.06 -1.02
N HIS A 278 -3.42 -27.40 -0.06
CA HIS A 278 -2.67 -26.77 1.02
C HIS A 278 -1.94 -27.83 1.84
N GLN A 279 -2.68 -28.85 2.26
CA GLN A 279 -2.16 -29.98 3.02
C GLN A 279 -1.06 -30.69 2.26
N ARG A 280 -1.30 -30.86 0.97
CA ARG A 280 -0.34 -31.50 0.08
C ARG A 280 0.98 -30.77 0.19
N VAL A 281 0.92 -29.47 -0.05
CA VAL A 281 2.11 -28.66 0.01
C VAL A 281 2.73 -28.71 1.40
N CYS A 282 1.88 -28.79 2.43
CA CYS A 282 2.37 -28.87 3.81
C CYS A 282 3.24 -30.11 4.01
N ASP A 283 2.76 -31.22 3.45
CA ASP A 283 3.46 -32.50 3.53
C ASP A 283 4.78 -32.41 2.79
N ILE A 284 4.77 -31.76 1.63
CA ILE A 284 5.98 -31.62 0.84
C ILE A 284 7.04 -30.79 1.56
N LEU A 285 6.62 -29.68 2.16
CA LEU A 285 7.52 -28.80 2.88
C LEU A 285 8.03 -29.46 4.16
N LYS A 286 7.16 -30.22 4.83
CA LYS A 286 7.55 -30.88 6.04
C LYS A 286 8.69 -31.83 5.73
N GLN A 287 8.59 -32.47 4.58
CA GLN A 287 9.60 -33.40 4.16
C GLN A 287 10.94 -32.71 3.95
N GLU A 288 10.89 -31.51 3.38
CA GLU A 288 12.09 -30.74 3.12
C GLU A 288 12.61 -30.04 4.38
N HIS A 289 11.68 -29.72 5.28
CA HIS A 289 12.02 -29.02 6.49
C HIS A 289 11.47 -29.69 7.73
N PRO A 290 12.05 -30.84 8.10
CA PRO A 290 11.62 -31.60 9.28
C PRO A 290 11.85 -30.74 10.51
N GLU A 291 12.61 -29.69 10.32
CA GLU A 291 12.97 -28.77 11.38
C GLU A 291 11.99 -27.63 11.53
N TRP A 292 11.05 -27.49 10.61
CA TRP A 292 10.10 -26.39 10.69
C TRP A 292 8.94 -26.69 11.61
N GLY A 293 8.24 -25.64 12.02
CA GLY A 293 7.10 -25.82 12.89
C GLY A 293 5.83 -25.57 12.11
N ASP A 294 4.71 -25.65 12.82
CA ASP A 294 3.38 -25.44 12.24
C ASP A 294 3.20 -24.07 11.56
N GLU A 295 3.49 -22.98 12.26
CA GLU A 295 3.37 -21.64 11.70
C GLU A 295 4.06 -21.48 10.35
N GLN A 296 5.36 -21.78 10.29
CA GLN A 296 6.11 -21.62 9.06
C GLN A 296 5.61 -22.54 7.95
N LEU A 297 5.20 -23.75 8.34
CA LEU A 297 4.70 -24.70 7.38
C LEU A 297 3.43 -24.08 6.80
N PHE A 298 2.54 -23.62 7.69
CA PHE A 298 1.31 -22.99 7.24
C PHE A 298 1.57 -21.77 6.34
N GLN A 299 2.29 -20.79 6.87
CA GLN A 299 2.60 -19.55 6.16
C GLN A 299 3.28 -19.76 4.83
N THR A 300 4.23 -20.68 4.78
CA THR A 300 4.95 -20.92 3.55
C THR A 300 4.05 -21.57 2.53
N SER A 301 3.16 -22.43 3.02
CA SER A 301 2.24 -23.12 2.12
C SER A 301 1.28 -22.10 1.51
N LYS A 302 0.81 -21.16 2.33
CA LYS A 302 -0.11 -20.13 1.85
C LYS A 302 0.55 -19.29 0.77
N LEU A 303 1.84 -19.02 0.95
CA LEU A 303 2.58 -18.21 -0.02
C LEU A 303 2.68 -18.93 -1.35
N ILE A 304 2.85 -20.25 -1.27
CA ILE A 304 2.98 -21.08 -2.46
C ILE A 304 1.66 -21.19 -3.20
N LEU A 305 0.55 -21.34 -2.46
CA LEU A 305 -0.73 -21.44 -3.11
C LEU A 305 -1.10 -20.12 -3.78
N ILE A 306 -0.66 -19.01 -3.18
CA ILE A 306 -0.93 -17.71 -3.76
C ILE A 306 -0.24 -17.72 -5.12
N GLY A 307 1.01 -18.20 -5.14
CA GLY A 307 1.77 -18.27 -6.37
C GLY A 307 1.17 -19.22 -7.41
N GLU A 308 0.67 -20.37 -6.94
CA GLU A 308 0.05 -21.35 -7.80
C GLU A 308 -1.19 -20.73 -8.44
N THR A 309 -1.95 -20.01 -7.63
CA THR A 309 -3.16 -19.36 -8.10
C THR A 309 -2.86 -18.34 -9.21
N ILE A 310 -1.84 -17.51 -9.00
CA ILE A 310 -1.49 -16.53 -10.00
C ILE A 310 -0.98 -17.22 -11.27
N LYS A 311 -0.17 -18.26 -11.09
CA LYS A 311 0.37 -19.02 -12.20
C LYS A 311 -0.77 -19.57 -13.08
N ILE A 312 -1.71 -20.25 -12.44
CA ILE A 312 -2.83 -20.83 -13.15
C ILE A 312 -3.70 -19.77 -13.81
N VAL A 313 -3.98 -18.70 -13.09
CA VAL A 313 -4.83 -17.67 -13.67
C VAL A 313 -4.24 -17.07 -14.93
N ILE A 314 -2.92 -16.95 -15.02
CA ILE A 314 -2.32 -16.35 -16.20
C ILE A 314 -2.12 -17.35 -17.33
N GLU A 315 -1.46 -18.45 -17.01
CA GLU A 315 -1.16 -19.45 -18.02
C GLU A 315 -2.28 -20.39 -18.43
N ASP A 316 -3.32 -20.50 -17.61
CA ASP A 316 -4.45 -21.36 -17.93
C ASP A 316 -5.73 -20.55 -18.14
N TYR A 317 -6.15 -19.86 -17.09
CA TYR A 317 -7.37 -19.07 -17.12
C TYR A 317 -7.36 -17.98 -18.18
N VAL A 318 -6.49 -17.00 -18.01
CA VAL A 318 -6.40 -15.90 -18.96
C VAL A 318 -6.01 -16.42 -20.35
N GLN A 319 -5.08 -17.37 -20.38
CA GLN A 319 -4.64 -17.96 -21.64
C GLN A 319 -5.86 -18.37 -22.46
N HIS A 320 -6.72 -19.17 -21.83
CA HIS A 320 -7.95 -19.65 -22.44
C HIS A 320 -8.82 -18.48 -22.92
N LEU A 321 -9.17 -17.61 -21.99
CA LEU A 321 -10.00 -16.45 -22.29
C LEU A 321 -9.47 -15.67 -23.47
N SER A 322 -8.16 -15.49 -23.54
CA SER A 322 -7.55 -14.69 -24.60
C SER A 322 -7.74 -15.21 -26.01
N GLY A 323 -7.58 -16.51 -26.20
CA GLY A 323 -7.71 -17.06 -27.54
C GLY A 323 -6.41 -16.88 -28.31
N TYR A 324 -5.38 -16.41 -27.62
CA TYR A 324 -4.09 -16.19 -28.26
C TYR A 324 -3.37 -17.49 -28.60
N HIS A 325 -2.55 -17.45 -29.64
CA HIS A 325 -1.77 -18.62 -30.01
C HIS A 325 -0.48 -18.52 -29.25
N PHE A 326 -0.20 -17.30 -28.79
CA PHE A 326 0.98 -17.02 -27.99
C PHE A 326 0.74 -17.55 -26.57
N LYS A 327 1.74 -18.23 -26.01
CA LYS A 327 1.62 -18.78 -24.66
C LYS A 327 1.95 -17.74 -23.60
N LEU A 328 0.91 -17.20 -22.96
CA LEU A 328 1.05 -16.20 -21.90
C LEU A 328 1.95 -16.79 -20.80
N LYS A 329 2.71 -15.94 -20.12
CA LYS A 329 3.63 -16.45 -19.12
C LYS A 329 3.65 -15.71 -17.80
N PHE A 330 3.75 -16.46 -16.71
CA PHE A 330 3.82 -15.84 -15.40
C PHE A 330 5.29 -15.75 -15.04
N ASP A 331 5.86 -14.54 -15.13
CA ASP A 331 7.27 -14.32 -14.80
C ASP A 331 7.47 -12.93 -14.21
N PRO A 332 7.46 -12.83 -12.88
CA PRO A 332 7.66 -11.53 -12.21
C PRO A 332 8.93 -10.81 -12.68
N GLU A 333 9.95 -11.58 -13.03
CA GLU A 333 11.22 -11.01 -13.50
C GLU A 333 11.04 -10.10 -14.69
N LEU A 334 10.02 -10.37 -15.49
CA LEU A 334 9.78 -9.56 -16.68
C LEU A 334 9.54 -8.12 -16.33
N LEU A 335 9.09 -7.86 -15.10
CA LEU A 335 8.80 -6.51 -14.66
C LEU A 335 9.91 -5.82 -13.85
N PHE A 336 10.92 -6.60 -13.44
CA PHE A 336 11.99 -6.05 -12.64
C PHE A 336 12.73 -4.82 -13.20
N ASN A 337 12.86 -4.71 -14.51
CA ASN A 337 13.56 -3.55 -15.07
C ASN A 337 12.55 -2.51 -15.53
N GLN A 338 11.30 -2.71 -15.17
CA GLN A 338 10.23 -1.81 -15.56
C GLN A 338 9.76 -0.99 -14.37
N GLN A 339 9.11 0.13 -14.62
CA GLN A 339 8.56 0.94 -13.55
C GLN A 339 7.21 0.30 -13.29
N PHE A 340 7.00 -0.23 -12.09
CA PHE A 340 5.74 -0.88 -11.81
C PHE A 340 5.51 -0.82 -10.32
N GLN A 341 4.28 -0.55 -9.91
CA GLN A 341 3.92 -0.48 -8.49
C GLN A 341 3.36 -1.79 -7.97
N TYR A 342 4.01 -2.38 -6.97
CA TYR A 342 3.56 -3.63 -6.39
C TYR A 342 2.53 -3.34 -5.33
N GLN A 343 1.38 -2.89 -5.79
CA GLN A 343 0.26 -2.60 -4.92
C GLN A 343 -0.95 -2.58 -5.83
N ASN A 344 -2.12 -2.77 -5.23
CA ASN A 344 -3.34 -2.79 -6.01
C ASN A 344 -4.55 -2.51 -5.13
N ARG A 345 -5.53 -1.86 -5.73
CA ARG A 345 -6.78 -1.56 -5.06
C ARG A 345 -7.86 -1.96 -6.06
N ILE A 346 -8.75 -2.86 -5.64
CA ILE A 346 -9.78 -3.32 -6.55
C ILE A 346 -10.79 -2.27 -6.95
N ALA A 347 -10.96 -2.13 -8.27
CA ALA A 347 -11.86 -1.15 -8.86
C ALA A 347 -13.30 -1.64 -8.94
N SER A 348 -14.23 -0.72 -8.67
CA SER A 348 -15.65 -1.01 -8.72
C SER A 348 -15.95 -1.51 -10.12
N GLU A 349 -15.37 -0.86 -11.12
CA GLU A 349 -15.58 -1.21 -12.52
C GLU A 349 -15.11 -2.61 -12.87
N PHE A 350 -14.07 -3.07 -12.20
CA PHE A 350 -13.56 -4.41 -12.45
C PHE A 350 -14.62 -5.38 -11.96
N ASN A 351 -15.27 -5.04 -10.86
CA ASN A 351 -16.31 -5.88 -10.31
C ASN A 351 -17.51 -5.93 -11.25
N THR A 352 -17.90 -4.76 -11.76
CA THR A 352 -19.03 -4.65 -12.67
C THR A 352 -18.84 -5.46 -13.95
N LEU A 353 -17.75 -5.21 -14.65
CA LEU A 353 -17.47 -5.90 -15.89
C LEU A 353 -17.39 -7.41 -15.69
N TYR A 354 -17.04 -7.82 -14.48
CA TYR A 354 -16.89 -9.23 -14.17
C TYR A 354 -18.18 -9.99 -13.93
N HIS A 355 -19.33 -9.32 -14.02
CA HIS A 355 -20.61 -10.01 -13.83
C HIS A 355 -20.91 -10.81 -15.10
N TRP A 356 -20.17 -11.91 -15.23
CA TRP A 356 -20.26 -12.79 -16.38
C TRP A 356 -21.32 -13.87 -16.22
N HIS A 357 -22.55 -13.48 -15.89
CA HIS A 357 -23.62 -14.46 -15.69
C HIS A 357 -24.08 -15.25 -16.93
N PRO A 358 -23.99 -14.65 -18.14
CA PRO A 358 -24.41 -15.41 -19.32
C PRO A 358 -23.61 -16.71 -19.43
N LEU A 359 -22.59 -16.85 -18.60
CA LEU A 359 -21.76 -18.04 -18.63
C LEU A 359 -22.54 -19.23 -18.13
N LEU A 360 -23.45 -18.96 -17.20
CA LEU A 360 -24.25 -20.01 -16.60
C LEU A 360 -25.18 -20.74 -17.54
N PRO A 361 -25.19 -22.08 -17.45
CA PRO A 361 -26.05 -22.91 -18.31
C PRO A 361 -27.46 -22.85 -17.77
N ASP A 362 -28.40 -23.48 -18.47
CA ASP A 362 -29.77 -23.48 -18.00
C ASP A 362 -29.97 -24.56 -16.93
N THR A 363 -29.15 -25.61 -17.00
CA THR A 363 -29.18 -26.68 -16.02
C THR A 363 -27.75 -27.15 -15.82
N PHE A 364 -27.49 -27.79 -14.68
CA PHE A 364 -26.14 -28.28 -14.39
C PHE A 364 -26.12 -29.79 -14.54
N ASN A 365 -25.43 -30.26 -15.56
CA ASN A 365 -25.35 -31.67 -15.83
C ASN A 365 -24.15 -32.33 -15.16
N ILE A 366 -24.41 -33.15 -14.15
CA ILE A 366 -23.35 -33.87 -13.44
C ILE A 366 -23.62 -35.37 -13.62
N GLU A 367 -22.70 -36.03 -14.32
CA GLU A 367 -22.82 -37.45 -14.58
C GLU A 367 -24.07 -37.77 -15.39
N ASP A 368 -25.15 -38.13 -14.72
CA ASP A 368 -26.39 -38.49 -15.41
C ASP A 368 -27.58 -37.59 -15.14
N GLN A 369 -27.44 -36.76 -14.11
CA GLN A 369 -28.48 -35.86 -13.74
C GLN A 369 -28.34 -34.51 -14.40
N GLU A 370 -29.41 -33.74 -14.29
CA GLU A 370 -29.48 -32.37 -14.78
C GLU A 370 -30.19 -31.71 -13.62
N TYR A 371 -29.55 -30.70 -13.03
CA TYR A 371 -30.13 -30.03 -11.89
C TYR A 371 -30.47 -28.65 -12.29
N SER A 372 -31.61 -28.18 -11.81
CA SER A 372 -32.06 -26.83 -12.09
C SER A 372 -31.27 -25.96 -11.15
N PHE A 373 -31.36 -24.66 -11.34
CA PHE A 373 -30.68 -23.72 -10.47
C PHE A 373 -31.12 -23.96 -9.04
N LYS A 374 -32.42 -24.23 -8.88
CA LYS A 374 -33.00 -24.43 -7.56
C LYS A 374 -32.48 -25.62 -6.79
N GLN A 375 -32.44 -26.79 -7.42
CA GLN A 375 -31.98 -27.99 -6.74
C GLN A 375 -30.47 -28.09 -6.67
N PHE A 376 -29.79 -27.09 -7.22
CA PHE A 376 -28.33 -27.08 -7.20
C PHE A 376 -27.86 -26.14 -6.09
N LEU A 377 -28.59 -25.06 -5.90
CA LEU A 377 -28.27 -24.07 -4.89
C LEU A 377 -28.34 -24.62 -3.48
N TYR A 378 -27.24 -24.47 -2.76
CA TYR A 378 -27.15 -24.93 -1.38
C TYR A 378 -27.28 -26.44 -1.21
N ASN A 379 -26.88 -27.19 -2.22
CA ASN A 379 -26.97 -28.65 -2.11
C ASN A 379 -25.60 -29.33 -2.17
N ASN A 380 -24.92 -29.37 -1.03
CA ASN A 380 -23.61 -30.00 -0.94
C ASN A 380 -23.69 -31.53 -1.01
N SER A 381 -24.91 -32.08 -0.90
CA SER A 381 -25.11 -33.52 -0.97
C SER A 381 -24.88 -34.00 -2.40
N ILE A 382 -25.11 -33.13 -3.37
CA ILE A 382 -24.87 -33.48 -4.76
C ILE A 382 -23.36 -33.73 -4.92
N LEU A 383 -22.54 -32.90 -4.29
CA LEU A 383 -21.09 -33.07 -4.36
C LEU A 383 -20.65 -34.37 -3.69
N LEU A 384 -21.17 -34.62 -2.49
CA LEU A 384 -20.82 -35.83 -1.76
C LEU A 384 -21.39 -37.04 -2.48
N GLU A 385 -22.53 -36.84 -3.13
CA GLU A 385 -23.21 -37.89 -3.88
C GLU A 385 -22.43 -38.35 -5.09
N HIS A 386 -21.96 -37.40 -5.89
CA HIS A 386 -21.21 -37.73 -7.08
C HIS A 386 -19.72 -37.84 -6.83
N GLY A 387 -19.21 -36.98 -5.95
CA GLY A 387 -17.79 -37.00 -5.65
C GLY A 387 -17.07 -36.02 -6.55
N LEU A 388 -15.88 -35.58 -6.11
CA LEU A 388 -15.08 -34.62 -6.88
C LEU A 388 -14.70 -35.11 -8.28
N THR A 389 -14.37 -36.39 -8.41
CA THR A 389 -13.99 -36.93 -9.70
C THR A 389 -15.09 -36.77 -10.75
N GLN A 390 -16.31 -37.16 -10.37
CA GLN A 390 -17.44 -37.06 -11.28
C GLN A 390 -17.72 -35.59 -11.54
N PHE A 391 -17.65 -34.78 -10.50
CA PHE A 391 -17.89 -33.35 -10.68
C PHE A 391 -16.94 -32.76 -11.72
N VAL A 392 -15.67 -33.13 -11.65
CA VAL A 392 -14.64 -32.64 -12.57
C VAL A 392 -14.86 -33.12 -14.00
N GLU A 393 -15.14 -34.42 -14.15
CA GLU A 393 -15.38 -34.99 -15.47
C GLU A 393 -16.59 -34.34 -16.09
N SER A 394 -17.63 -34.12 -15.28
CA SER A 394 -18.86 -33.49 -15.76
C SER A 394 -18.68 -32.00 -16.10
N PHE A 395 -18.06 -31.26 -15.20
CA PHE A 395 -17.85 -29.83 -15.41
C PHE A 395 -16.89 -29.59 -16.55
N THR A 396 -16.01 -30.54 -16.80
CA THR A 396 -15.06 -30.39 -17.89
C THR A 396 -15.80 -30.53 -19.22
N ARG A 397 -16.83 -31.38 -19.25
CA ARG A 397 -17.63 -31.64 -20.44
C ARG A 397 -18.67 -30.58 -20.75
N GLN A 398 -19.32 -30.04 -19.72
CA GLN A 398 -20.36 -29.04 -19.96
C GLN A 398 -19.86 -27.67 -20.42
N ILE A 399 -20.39 -27.22 -21.56
CA ILE A 399 -20.03 -25.92 -22.13
C ILE A 399 -20.75 -24.77 -21.42
N ALA A 400 -20.10 -23.61 -21.40
CA ALA A 400 -20.66 -22.41 -20.76
C ALA A 400 -21.25 -21.50 -21.85
N GLY A 401 -22.09 -20.57 -21.42
CA GLY A 401 -22.71 -19.67 -22.37
C GLY A 401 -21.79 -18.54 -22.76
N ARG A 402 -22.05 -17.94 -23.92
CA ARG A 402 -21.25 -16.80 -24.38
C ARG A 402 -21.71 -15.59 -23.55
N VAL A 403 -20.77 -14.68 -23.31
CA VAL A 403 -21.03 -13.50 -22.50
C VAL A 403 -21.38 -12.31 -23.37
N ALA A 404 -20.46 -11.94 -24.28
CA ALA A 404 -20.76 -10.86 -25.23
C ALA A 404 -21.85 -11.44 -26.09
N GLY A 405 -22.20 -10.78 -27.18
CA GLY A 405 -23.25 -11.34 -28.00
C GLY A 405 -24.66 -10.84 -27.79
N GLY A 406 -25.13 -10.75 -26.54
CA GLY A 406 -26.47 -10.27 -26.30
C GLY A 406 -27.43 -11.37 -25.92
N ARG A 407 -28.48 -11.01 -25.18
CA ARG A 407 -29.51 -11.96 -24.79
C ARG A 407 -29.01 -13.35 -24.45
N ASN A 408 -28.24 -13.48 -23.38
CA ASN A 408 -27.75 -14.80 -22.96
C ASN A 408 -27.68 -14.93 -21.44
N VAL A 409 -28.36 -14.01 -20.75
CA VAL A 409 -28.41 -14.04 -19.29
C VAL A 409 -29.56 -14.94 -18.87
N PRO A 410 -29.26 -16.06 -18.21
CA PRO A 410 -30.31 -16.99 -17.76
C PRO A 410 -31.37 -16.26 -16.95
N ILE A 411 -32.64 -16.44 -17.32
CA ILE A 411 -33.73 -15.79 -16.60
C ILE A 411 -33.65 -16.10 -15.09
N ALA A 412 -33.18 -17.30 -14.76
CA ALA A 412 -33.08 -17.71 -13.36
C ALA A 412 -32.24 -16.75 -12.53
N VAL A 413 -31.43 -15.94 -13.20
CA VAL A 413 -30.55 -15.03 -12.48
C VAL A 413 -30.74 -13.59 -12.93
N GLN A 414 -31.91 -13.29 -13.47
CA GLN A 414 -32.17 -11.95 -13.98
C GLN A 414 -32.11 -10.82 -12.95
N ALA A 415 -32.49 -11.11 -11.71
CA ALA A 415 -32.46 -10.07 -10.67
C ALA A 415 -31.02 -9.61 -10.46
N VAL A 416 -30.08 -10.55 -10.61
CA VAL A 416 -28.68 -10.22 -10.47
C VAL A 416 -28.24 -9.29 -11.60
N ALA A 417 -28.72 -9.56 -12.81
CA ALA A 417 -28.37 -8.72 -13.94
C ALA A 417 -29.02 -7.34 -13.82
N LYS A 418 -30.20 -7.28 -13.21
CA LYS A 418 -30.88 -6.00 -13.06
C LYS A 418 -30.16 -5.17 -12.04
N ALA A 419 -29.64 -5.84 -11.01
CA ALA A 419 -28.91 -5.19 -9.92
C ALA A 419 -27.63 -4.57 -10.45
N SER A 420 -26.96 -5.26 -11.35
CA SER A 420 -25.74 -4.70 -11.92
C SER A 420 -26.07 -3.38 -12.56
N ILE A 421 -27.21 -3.33 -13.26
CA ILE A 421 -27.62 -2.11 -13.94
C ILE A 421 -27.96 -1.03 -12.92
N ASP A 422 -28.88 -1.39 -12.03
CA ASP A 422 -29.35 -0.50 -10.98
C ASP A 422 -28.21 0.00 -10.11
N GLN A 423 -27.35 -0.89 -9.66
CA GLN A 423 -26.24 -0.50 -8.80
C GLN A 423 -25.22 0.40 -9.48
N SER A 424 -24.94 0.15 -10.76
CA SER A 424 -24.00 0.98 -11.50
C SER A 424 -24.54 2.40 -11.55
N ARG A 425 -25.86 2.50 -11.68
CA ARG A 425 -26.50 3.80 -11.72
C ARG A 425 -26.38 4.46 -10.36
N GLU A 426 -26.56 3.67 -9.31
CA GLU A 426 -26.46 4.15 -7.95
C GLU A 426 -25.10 4.80 -7.72
N MET A 427 -24.05 4.07 -8.10
CA MET A 427 -22.69 4.54 -7.93
C MET A 427 -22.32 5.56 -8.97
N LYS A 428 -23.33 6.12 -9.62
CA LYS A 428 -23.16 7.16 -10.64
C LYS A 428 -22.02 6.96 -11.64
N TYR A 429 -22.02 5.79 -12.27
CA TYR A 429 -21.02 5.41 -13.26
C TYR A 429 -21.16 6.31 -14.47
N GLN A 430 -20.04 6.57 -15.16
CA GLN A 430 -20.09 7.37 -16.36
C GLN A 430 -20.47 6.47 -17.54
N SER A 431 -20.81 7.07 -18.68
CA SER A 431 -21.22 6.32 -19.86
C SER A 431 -20.20 5.33 -20.39
N LEU A 432 -20.67 4.44 -21.24
CA LEU A 432 -19.83 3.42 -21.85
C LEU A 432 -18.73 4.09 -22.64
N ASN A 433 -19.09 5.13 -23.39
CA ASN A 433 -18.11 5.84 -24.21
C ASN A 433 -17.04 6.56 -23.40
N GLU A 434 -17.39 7.03 -22.21
CA GLU A 434 -16.43 7.70 -21.36
C GLU A 434 -15.41 6.68 -20.92
N TYR A 435 -15.88 5.49 -20.55
CA TYR A 435 -14.98 4.43 -20.12
C TYR A 435 -14.13 3.93 -21.30
N ARG A 436 -14.69 3.95 -22.50
CA ARG A 436 -13.95 3.48 -23.66
C ARG A 436 -12.79 4.45 -23.89
N LYS A 437 -13.07 5.74 -23.79
CA LYS A 437 -12.03 6.75 -23.97
C LYS A 437 -11.03 6.55 -22.84
N ARG A 438 -11.55 6.36 -21.63
CA ARG A 438 -10.70 6.16 -20.47
C ARG A 438 -9.67 5.06 -20.73
N PHE A 439 -10.00 4.12 -21.58
CA PHE A 439 -9.07 3.04 -21.85
C PHE A 439 -8.49 3.05 -23.25
N SER A 440 -8.40 4.24 -23.83
CA SER A 440 -7.84 4.43 -25.16
C SER A 440 -8.56 3.71 -26.29
N LEU A 441 -9.86 3.55 -26.12
CA LEU A 441 -10.65 2.90 -27.13
C LEU A 441 -11.47 3.98 -27.82
N LYS A 442 -11.80 3.73 -29.08
CA LYS A 442 -12.56 4.69 -29.84
C LYS A 442 -14.02 4.60 -29.45
N PRO A 443 -14.63 5.73 -29.11
CA PRO A 443 -16.05 5.68 -28.73
C PRO A 443 -16.92 5.17 -29.88
N TYR A 444 -18.03 4.54 -29.54
CA TYR A 444 -18.92 4.03 -30.57
C TYR A 444 -19.76 5.21 -31.04
N THR A 445 -20.06 5.26 -32.34
CA THR A 445 -20.84 6.32 -32.93
C THR A 445 -22.29 5.92 -33.18
N SER A 446 -22.60 4.65 -32.95
CA SER A 446 -23.96 4.15 -33.14
C SER A 446 -24.16 2.81 -32.45
N PHE A 447 -25.39 2.53 -32.05
CA PHE A 447 -25.68 1.27 -31.39
C PHE A 447 -25.43 0.08 -32.29
N GLU A 448 -25.56 0.30 -33.60
CA GLU A 448 -25.31 -0.77 -34.54
C GLU A 448 -23.81 -1.07 -34.54
N GLU A 449 -23.01 -0.04 -34.34
CA GLU A 449 -21.57 -0.22 -34.30
C GLU A 449 -21.21 -1.06 -33.09
N LEU A 450 -21.93 -0.81 -32.00
CA LEU A 450 -21.68 -1.52 -30.75
C LEU A 450 -22.01 -3.00 -30.80
N THR A 451 -23.22 -3.32 -31.24
CA THR A 451 -23.67 -4.69 -31.30
C THR A 451 -23.23 -5.46 -32.54
N GLY A 452 -22.96 -4.74 -33.62
CA GLY A 452 -22.58 -5.40 -34.85
C GLY A 452 -23.78 -6.02 -35.56
N GLU A 453 -24.98 -5.57 -35.20
CA GLU A 453 -26.21 -6.08 -35.81
C GLU A 453 -27.29 -4.98 -35.77
N LYS A 454 -28.54 -5.33 -36.11
CA LYS A 454 -29.62 -4.34 -36.15
C LYS A 454 -30.75 -4.44 -35.14
N GLU A 455 -31.24 -5.65 -34.88
CA GLU A 455 -32.36 -5.81 -33.97
C GLU A 455 -32.13 -5.23 -32.58
N MET A 456 -31.14 -5.74 -31.88
CA MET A 456 -30.84 -5.25 -30.54
C MET A 456 -30.43 -3.78 -30.58
N ALA A 457 -29.59 -3.43 -31.55
CA ALA A 457 -29.13 -2.05 -31.68
C ALA A 457 -30.32 -1.10 -31.75
N ALA A 458 -31.32 -1.49 -32.55
CA ALA A 458 -32.51 -0.66 -32.72
C ALA A 458 -33.26 -0.56 -31.41
N GLU A 459 -33.34 -1.66 -30.68
CA GLU A 459 -34.07 -1.64 -29.41
C GLU A 459 -33.33 -0.73 -28.43
N LEU A 460 -32.00 -0.78 -28.49
CA LEU A 460 -31.18 0.05 -27.62
C LEU A 460 -31.37 1.51 -28.00
N LYS A 461 -31.32 1.79 -29.30
CA LYS A 461 -31.49 3.14 -29.77
C LYS A 461 -32.82 3.68 -29.27
N ALA A 462 -33.85 2.85 -29.32
CA ALA A 462 -35.17 3.26 -28.87
C ALA A 462 -35.16 3.66 -27.40
N LEU A 463 -34.51 2.84 -26.57
CA LEU A 463 -34.44 3.11 -25.14
C LEU A 463 -33.50 4.23 -24.71
N TYR A 464 -32.31 4.31 -25.31
CA TYR A 464 -31.32 5.31 -24.94
C TYR A 464 -31.27 6.57 -25.80
N SER A 465 -31.61 6.44 -27.08
CA SER A 465 -31.62 7.57 -28.02
C SER A 465 -30.24 7.97 -28.52
N ASP A 466 -29.32 8.17 -27.58
CA ASP A 466 -27.96 8.58 -27.89
C ASP A 466 -26.96 7.51 -27.46
N ILE A 467 -26.05 7.14 -28.35
CA ILE A 467 -25.05 6.13 -28.04
C ILE A 467 -24.16 6.61 -26.90
N ASP A 468 -23.96 7.92 -26.84
CA ASP A 468 -23.12 8.53 -25.80
C ASP A 468 -23.73 8.45 -24.40
N VAL A 469 -24.93 7.89 -24.32
CA VAL A 469 -25.59 7.76 -23.03
C VAL A 469 -25.72 6.27 -22.70
N MET A 470 -25.24 5.43 -23.61
CA MET A 470 -25.29 4.00 -23.39
C MET A 470 -24.46 3.65 -22.15
N GLU A 471 -24.95 2.68 -21.39
CA GLU A 471 -24.29 2.24 -20.17
C GLU A 471 -23.29 1.11 -20.39
N LEU A 472 -22.25 1.12 -19.57
CA LEU A 472 -21.16 0.16 -19.64
C LEU A 472 -21.55 -1.32 -19.46
N TYR A 473 -22.19 -1.64 -18.35
CA TYR A 473 -22.54 -3.04 -18.09
C TYR A 473 -23.38 -3.72 -19.16
N PRO A 474 -24.52 -3.10 -19.54
CA PRO A 474 -25.37 -3.72 -20.57
C PRO A 474 -24.59 -3.82 -21.88
N ALA A 475 -23.89 -2.75 -22.21
CA ALA A 475 -23.10 -2.71 -23.42
C ALA A 475 -22.13 -3.90 -23.47
N LEU A 476 -21.52 -4.24 -22.35
CA LEU A 476 -20.56 -5.35 -22.33
C LEU A 476 -21.19 -6.70 -22.71
N LEU A 477 -22.44 -6.91 -22.30
CA LEU A 477 -23.16 -8.16 -22.58
C LEU A 477 -23.84 -8.17 -23.96
N VAL A 478 -23.83 -7.04 -24.63
CA VAL A 478 -24.48 -6.94 -25.93
C VAL A 478 -23.47 -6.62 -27.05
N GLU A 479 -22.26 -6.24 -26.64
CA GLU A 479 -21.23 -5.89 -27.59
C GLU A 479 -20.93 -6.96 -28.61
N LYS A 480 -20.60 -6.53 -29.82
CA LYS A 480 -20.27 -7.47 -30.88
C LYS A 480 -19.04 -8.23 -30.43
N PRO A 481 -19.15 -9.56 -30.25
CA PRO A 481 -17.97 -10.29 -29.81
C PRO A 481 -16.90 -10.22 -30.89
N ARG A 482 -15.72 -10.72 -30.58
CA ARG A 482 -14.66 -10.72 -31.55
C ARG A 482 -14.86 -12.01 -32.32
N PRO A 483 -14.17 -12.19 -33.45
CA PRO A 483 -14.33 -13.40 -34.25
C PRO A 483 -14.37 -14.69 -33.44
N ASP A 484 -15.57 -15.24 -33.26
CA ASP A 484 -15.76 -16.48 -32.53
C ASP A 484 -15.22 -16.44 -31.12
N ALA A 485 -15.24 -15.26 -30.52
CA ALA A 485 -14.76 -15.06 -29.18
C ALA A 485 -15.90 -14.93 -28.20
N ILE A 486 -15.59 -15.07 -26.91
CA ILE A 486 -16.58 -14.95 -25.86
C ILE A 486 -16.84 -13.46 -25.50
N PHE A 487 -15.83 -12.61 -25.71
CA PHE A 487 -15.95 -11.18 -25.38
C PHE A 487 -15.72 -10.24 -26.55
N GLY A 488 -16.09 -8.97 -26.32
CA GLY A 488 -15.89 -7.92 -27.30
C GLY A 488 -14.72 -7.06 -26.84
N GLU A 489 -14.30 -6.11 -27.66
CA GLU A 489 -13.17 -5.24 -27.33
C GLU A 489 -13.18 -4.59 -25.94
N THR A 490 -14.29 -3.94 -25.58
CA THR A 490 -14.39 -3.25 -24.30
C THR A 490 -14.13 -4.13 -23.07
N MET A 491 -14.63 -5.34 -23.08
CA MET A 491 -14.43 -6.22 -21.95
C MET A 491 -12.95 -6.55 -21.76
N VAL A 492 -12.28 -6.92 -22.85
CA VAL A 492 -10.89 -7.29 -22.77
C VAL A 492 -9.98 -6.13 -22.38
N GLU A 493 -10.20 -4.99 -23.01
CA GLU A 493 -9.38 -3.82 -22.76
C GLU A 493 -9.54 -3.16 -21.39
N LEU A 494 -10.70 -3.32 -20.76
CA LEU A 494 -10.89 -2.74 -19.44
C LEU A 494 -10.43 -3.73 -18.38
N GLY A 495 -10.74 -5.00 -18.59
CA GLY A 495 -10.37 -6.03 -17.63
C GLY A 495 -8.92 -6.45 -17.55
N ALA A 496 -8.22 -6.47 -18.68
CA ALA A 496 -6.81 -6.85 -18.72
C ALA A 496 -5.95 -6.01 -17.77
N PRO A 497 -6.04 -4.67 -17.84
CA PRO A 497 -5.25 -3.82 -16.94
C PRO A 497 -5.55 -4.05 -15.45
N PHE A 498 -6.82 -4.25 -15.12
CA PHE A 498 -7.22 -4.49 -13.74
C PHE A 498 -6.64 -5.82 -13.27
N SER A 499 -6.65 -6.81 -14.15
CA SER A 499 -6.15 -8.13 -13.84
C SER A 499 -4.64 -8.16 -13.61
N LEU A 500 -3.92 -7.54 -14.51
CA LEU A 500 -2.47 -7.50 -14.41
C LEU A 500 -2.06 -6.90 -13.07
N LYS A 501 -2.71 -5.82 -12.67
CA LYS A 501 -2.39 -5.16 -11.40
C LYS A 501 -2.72 -6.07 -10.23
N GLY A 502 -3.81 -6.81 -10.35
CA GLY A 502 -4.20 -7.70 -9.27
C GLY A 502 -3.30 -8.92 -9.21
N LEU A 503 -2.76 -9.32 -10.36
CA LEU A 503 -1.91 -10.50 -10.42
C LEU A 503 -0.44 -10.19 -10.18
N MET A 504 0.14 -9.34 -11.01
CA MET A 504 1.55 -8.98 -10.88
C MET A 504 1.83 -8.01 -9.73
N GLY A 505 0.81 -7.29 -9.28
CA GLY A 505 0.98 -6.35 -8.19
C GLY A 505 1.05 -7.00 -6.81
N ASN A 506 0.96 -8.32 -6.77
CA ASN A 506 1.03 -9.06 -5.51
C ASN A 506 2.46 -8.97 -4.99
N PRO A 507 2.63 -8.80 -3.67
CA PRO A 507 3.98 -8.71 -3.07
C PRO A 507 4.94 -9.83 -3.44
N ILE A 508 4.43 -11.05 -3.56
CA ILE A 508 5.30 -12.16 -3.89
C ILE A 508 5.89 -12.02 -5.28
N CYS A 509 5.39 -11.05 -6.05
CA CYS A 509 5.90 -10.82 -7.41
C CYS A 509 7.04 -9.81 -7.39
N SER A 510 7.20 -9.13 -6.25
CA SER A 510 8.27 -8.15 -6.10
C SER A 510 9.61 -8.83 -5.91
N PRO A 511 10.69 -8.15 -6.30
CA PRO A 511 12.04 -8.71 -6.18
C PRO A 511 12.42 -9.29 -4.81
N GLN A 512 12.16 -8.56 -3.74
CA GLN A 512 12.50 -9.06 -2.41
C GLN A 512 11.79 -10.36 -2.05
N TYR A 513 10.64 -10.61 -2.67
CA TYR A 513 9.89 -11.82 -2.39
C TYR A 513 10.13 -12.94 -3.40
N TRP A 514 10.24 -12.56 -4.67
CA TRP A 514 10.42 -13.54 -5.74
C TRP A 514 11.75 -14.25 -5.75
N LYS A 515 11.96 -15.14 -4.77
CA LYS A 515 13.19 -15.91 -4.65
C LYS A 515 12.85 -17.23 -3.95
N PRO A 516 13.58 -18.30 -4.27
CA PRO A 516 13.35 -19.61 -3.67
C PRO A 516 13.16 -19.62 -2.16
N SER A 517 14.06 -18.98 -1.42
CA SER A 517 13.95 -19.01 0.04
C SER A 517 12.60 -18.58 0.56
N THR A 518 11.90 -17.73 -0.19
CA THR A 518 10.59 -17.25 0.27
C THR A 518 9.54 -18.36 0.34
N PHE A 519 9.74 -19.39 -0.46
CA PHE A 519 8.81 -20.49 -0.52
C PHE A 519 9.40 -21.77 -0.01
N GLY A 520 10.35 -21.65 0.91
CA GLY A 520 10.98 -22.81 1.50
C GLY A 520 12.00 -23.51 0.66
N GLY A 521 12.46 -22.85 -0.41
CA GLY A 521 13.47 -23.46 -1.25
C GLY A 521 13.04 -23.79 -2.67
N GLU A 522 13.96 -24.38 -3.41
CA GLU A 522 13.74 -24.76 -4.80
C GLU A 522 12.53 -25.63 -5.00
N VAL A 523 12.31 -26.55 -4.07
CA VAL A 523 11.15 -27.44 -4.15
C VAL A 523 9.85 -26.62 -4.13
N GLY A 524 9.66 -25.83 -3.10
CA GLY A 524 8.45 -25.03 -3.00
C GLY A 524 8.31 -24.07 -4.16
N PHE A 525 9.43 -23.53 -4.62
CA PHE A 525 9.43 -22.59 -5.72
C PHE A 525 8.97 -23.28 -6.99
N LYS A 526 9.33 -24.55 -7.14
CA LYS A 526 8.94 -25.30 -8.34
C LYS A 526 7.45 -25.55 -8.36
N ILE A 527 6.85 -25.73 -7.20
CA ILE A 527 5.42 -25.96 -7.13
C ILE A 527 4.73 -24.79 -7.83
N ILE A 528 5.19 -23.59 -7.54
CA ILE A 528 4.60 -22.40 -8.13
C ILE A 528 4.80 -22.36 -9.63
N ASN A 529 6.04 -22.55 -10.03
CA ASN A 529 6.42 -22.47 -11.42
C ASN A 529 5.99 -23.59 -12.37
N THR A 530 5.42 -24.67 -11.83
CA THR A 530 4.97 -25.75 -12.69
C THR A 530 3.47 -25.95 -12.51
N ALA A 531 2.85 -25.08 -11.71
CA ALA A 531 1.42 -25.19 -11.44
C ALA A 531 0.52 -25.02 -12.66
N SER A 532 -0.55 -25.82 -12.72
CA SER A 532 -1.51 -25.73 -13.82
C SER A 532 -2.85 -26.24 -13.31
N ILE A 533 -3.92 -25.90 -14.00
CA ILE A 533 -5.22 -26.38 -13.54
C ILE A 533 -5.31 -27.91 -13.59
N GLN A 534 -4.55 -28.54 -14.49
CA GLN A 534 -4.58 -30.01 -14.59
C GLN A 534 -3.85 -30.63 -13.41
N SER A 535 -2.73 -30.03 -13.01
CA SER A 535 -1.96 -30.56 -11.89
C SER A 535 -2.74 -30.44 -10.61
N LEU A 536 -3.34 -29.28 -10.43
CA LEU A 536 -4.11 -29.01 -9.23
C LEU A 536 -5.15 -30.10 -9.02
N ILE A 537 -5.87 -30.43 -10.10
CA ILE A 537 -6.91 -31.44 -10.04
C ILE A 537 -6.29 -32.83 -9.93
N CYS A 538 -5.32 -33.09 -10.79
CA CYS A 538 -4.65 -34.38 -10.80
C CYS A 538 -4.14 -34.77 -9.44
N ASN A 539 -3.46 -33.84 -8.80
CA ASN A 539 -2.87 -34.06 -7.49
C ASN A 539 -3.89 -34.18 -6.37
N ASN A 540 -5.06 -33.58 -6.57
CA ASN A 540 -6.04 -33.59 -5.50
C ASN A 540 -7.39 -34.21 -5.76
N VAL A 541 -7.57 -34.82 -6.92
CA VAL A 541 -8.83 -35.46 -7.24
C VAL A 541 -8.55 -36.92 -7.55
N LYS A 542 -9.22 -37.81 -6.83
CA LYS A 542 -9.02 -39.24 -7.00
C LYS A 542 -9.15 -39.59 -8.46
N GLY A 543 -8.15 -40.31 -8.97
CA GLY A 543 -8.16 -40.72 -10.35
C GLY A 543 -7.46 -39.79 -11.32
N CYS A 544 -7.14 -38.59 -10.85
CA CYS A 544 -6.49 -37.61 -11.70
C CYS A 544 -7.23 -37.47 -13.04
N PRO A 545 -8.50 -37.00 -13.00
CA PRO A 545 -9.26 -36.85 -14.23
C PRO A 545 -8.63 -35.78 -15.12
N PHE A 546 -8.67 -35.95 -16.43
CA PHE A 546 -8.13 -34.94 -17.33
C PHE A 546 -9.04 -33.74 -17.17
N THR A 547 -8.52 -32.53 -17.30
CA THR A 547 -9.35 -31.35 -17.17
C THR A 547 -8.71 -30.16 -17.85
N SER A 548 -9.52 -29.14 -18.09
CA SER A 548 -9.06 -27.93 -18.75
C SER A 548 -10.19 -26.92 -18.68
N PHE A 549 -9.96 -25.71 -19.15
CA PHE A 549 -10.99 -24.68 -19.09
C PHE A 549 -11.88 -24.66 -20.31
N ASN A 550 -11.54 -25.48 -21.29
CA ASN A 550 -12.35 -25.55 -22.49
C ASN A 550 -12.90 -26.96 -22.65
N VAL A 551 -14.01 -27.04 -23.39
CA VAL A 551 -14.67 -28.30 -23.66
C VAL A 551 -13.91 -28.98 -24.80
N GLN A 552 -12.91 -29.79 -24.47
CA GLN A 552 -12.08 -30.51 -25.45
C GLN A 552 -12.05 -29.90 -26.85
N ALA B 1 19.38 -23.11 18.49
CA ALA B 1 19.62 -24.36 17.71
C ALA B 1 19.39 -24.09 16.22
N ASN B 2 18.60 -23.07 15.92
CA ASN B 2 18.34 -22.70 14.54
C ASN B 2 19.67 -22.46 13.84
N PRO B 3 19.98 -23.26 12.80
CA PRO B 3 21.24 -23.13 12.05
C PRO B 3 21.52 -21.73 11.50
N CYS B 4 20.53 -20.86 11.56
CA CYS B 4 20.71 -19.53 11.03
C CYS B 4 20.98 -18.52 12.13
N CYS B 5 21.09 -19.01 13.37
CA CYS B 5 21.34 -18.15 14.51
C CYS B 5 22.58 -17.26 14.41
N SER B 6 23.59 -17.69 13.65
CA SER B 6 24.82 -16.90 13.49
C SER B 6 24.75 -15.85 12.39
N ASN B 7 23.61 -15.74 11.72
CA ASN B 7 23.47 -14.77 10.65
C ASN B 7 24.61 -14.99 9.67
N PRO B 8 24.79 -16.25 9.22
CA PRO B 8 25.83 -16.63 8.28
C PRO B 8 25.84 -15.96 6.91
N CYS B 9 24.64 -15.75 6.34
CA CYS B 9 24.54 -15.16 5.00
C CYS B 9 24.83 -13.68 4.95
N GLN B 10 25.81 -13.31 4.13
CA GLN B 10 26.21 -11.92 4.00
C GLN B 10 25.57 -11.23 2.81
N ASN B 11 25.85 -9.94 2.69
CA ASN B 11 25.36 -9.14 1.58
C ASN B 11 23.89 -9.29 1.23
N ARG B 12 23.07 -9.40 2.27
CA ARG B 12 21.63 -9.51 2.13
C ARG B 12 21.12 -10.87 1.67
N GLY B 13 22.02 -11.83 1.51
CA GLY B 13 21.58 -13.15 1.12
C GLY B 13 20.70 -13.65 2.27
N GLU B 14 19.71 -14.48 1.98
CA GLU B 14 18.81 -14.97 3.02
C GLU B 14 19.14 -16.38 3.51
N CYS B 15 19.09 -16.54 4.83
CA CYS B 15 19.39 -17.83 5.43
C CYS B 15 18.14 -18.66 5.65
N MET B 16 18.18 -19.92 5.25
CA MET B 16 17.05 -20.81 5.43
C MET B 16 17.60 -22.13 5.94
N SER B 17 16.92 -22.73 6.90
CA SER B 17 17.37 -24.02 7.43
C SER B 17 17.04 -25.10 6.42
N THR B 18 17.95 -26.06 6.27
CA THR B 18 17.72 -27.13 5.32
C THR B 18 17.67 -28.46 6.06
N GLY B 19 17.77 -28.39 7.37
CA GLY B 19 17.73 -29.57 8.20
C GLY B 19 17.90 -29.04 9.60
N PHE B 20 17.90 -29.91 10.61
CA PHE B 20 18.04 -29.44 11.97
C PHE B 20 19.33 -28.66 12.18
N ASP B 21 20.43 -29.14 11.61
CA ASP B 21 21.72 -28.48 11.78
C ASP B 21 22.36 -28.07 10.47
N GLN B 22 21.57 -27.55 9.55
CA GLN B 22 22.11 -27.12 8.28
C GLN B 22 21.33 -25.92 7.77
N TYR B 23 21.98 -25.10 6.97
CA TYR B 23 21.33 -23.94 6.40
C TYR B 23 21.74 -23.76 4.96
N LYS B 24 21.13 -22.80 4.30
CA LYS B 24 21.45 -22.53 2.91
C LYS B 24 21.23 -21.03 2.75
N CYS B 25 22.06 -20.37 1.95
CA CYS B 25 21.90 -18.94 1.73
C CYS B 25 21.34 -18.72 0.34
N ASP B 26 20.34 -17.87 0.24
CA ASP B 26 19.73 -17.54 -1.03
C ASP B 26 20.35 -16.23 -1.42
N CYS B 27 21.35 -16.29 -2.31
CA CYS B 27 22.05 -15.09 -2.75
C CYS B 27 21.40 -14.38 -3.92
N THR B 28 20.16 -14.73 -4.21
CA THR B 28 19.45 -14.13 -5.33
C THR B 28 19.55 -12.60 -5.34
N ARG B 29 19.93 -12.05 -6.49
CA ARG B 29 20.06 -10.61 -6.69
C ARG B 29 20.98 -9.90 -5.70
N THR B 30 21.77 -10.66 -4.93
CA THR B 30 22.67 -10.05 -3.97
C THR B 30 23.95 -9.50 -4.63
N GLY B 31 24.24 -9.95 -5.85
CA GLY B 31 25.45 -9.51 -6.54
C GLY B 31 26.64 -10.35 -6.10
N PHE B 32 26.37 -11.34 -5.24
CA PHE B 32 27.41 -12.24 -4.72
C PHE B 32 26.91 -13.66 -4.81
N TYR B 33 27.80 -14.59 -4.51
CA TYR B 33 27.45 -16.00 -4.48
C TYR B 33 28.37 -16.72 -3.51
N GLY B 34 28.19 -18.02 -3.37
CA GLY B 34 29.00 -18.76 -2.43
C GLY B 34 28.11 -19.12 -1.26
N GLU B 35 28.54 -20.11 -0.48
CA GLU B 35 27.77 -20.56 0.66
C GLU B 35 27.17 -19.43 1.48
N ASN B 36 27.92 -18.35 1.64
CA ASN B 36 27.45 -17.22 2.43
C ASN B 36 27.28 -15.94 1.64
N CYS B 37 27.17 -16.09 0.32
CA CYS B 37 27.01 -14.95 -0.57
C CYS B 37 28.13 -13.95 -0.34
N THR B 38 29.38 -14.42 -0.29
CA THR B 38 30.50 -13.49 -0.07
C THR B 38 31.39 -13.34 -1.28
N THR B 39 31.27 -14.23 -2.26
CA THR B 39 32.10 -14.13 -3.47
C THR B 39 31.39 -13.20 -4.45
N PRO B 40 31.98 -12.02 -4.71
CA PRO B 40 31.42 -11.02 -5.61
C PRO B 40 31.48 -11.33 -7.10
N GLU B 41 30.45 -10.89 -7.80
CA GLU B 41 30.38 -11.08 -9.22
C GLU B 41 31.22 -9.95 -9.80
N PHE B 42 31.93 -10.22 -10.88
CA PHE B 42 32.79 -9.23 -11.50
C PHE B 42 32.29 -7.80 -11.33
N LEU B 43 31.14 -7.53 -11.94
CA LEU B 43 30.53 -6.22 -11.87
C LEU B 43 30.37 -5.72 -10.45
N THR B 44 30.02 -6.61 -9.54
CA THR B 44 29.88 -6.24 -8.13
C THR B 44 31.20 -5.61 -7.71
N ARG B 45 32.29 -6.33 -7.95
CA ARG B 45 33.63 -5.87 -7.66
C ARG B 45 33.87 -4.49 -8.27
N ILE B 46 33.59 -4.38 -9.56
CA ILE B 46 33.74 -3.11 -10.24
C ILE B 46 33.01 -2.05 -9.43
N LYS B 47 31.71 -2.23 -9.24
CA LYS B 47 30.89 -1.29 -8.49
C LYS B 47 31.43 -0.91 -7.12
N LEU B 48 31.81 -1.90 -6.32
CA LEU B 48 32.35 -1.70 -4.98
C LEU B 48 33.56 -0.78 -4.96
N LEU B 49 34.39 -0.94 -5.99
CA LEU B 49 35.60 -0.16 -6.13
C LEU B 49 35.29 1.30 -6.46
N LEU B 50 34.10 1.54 -6.98
CA LEU B 50 33.71 2.89 -7.38
C LEU B 50 32.74 3.59 -6.44
N LYS B 51 32.33 2.92 -5.37
CA LYS B 51 31.41 3.53 -4.44
C LYS B 51 32.19 4.19 -3.31
N PRO B 52 32.02 5.51 -3.14
CA PRO B 52 32.72 6.23 -2.08
C PRO B 52 31.99 5.97 -0.77
N THR B 53 32.72 6.00 0.34
CA THR B 53 32.11 5.76 1.64
C THR B 53 31.20 6.90 2.08
N PRO B 54 30.25 6.60 2.96
CA PRO B 54 29.35 7.65 3.43
C PRO B 54 30.10 8.85 4.00
N ASN B 55 31.22 8.61 4.67
CA ASN B 55 31.99 9.70 5.26
C ASN B 55 32.67 10.57 4.24
N THR B 56 33.07 9.96 3.13
CA THR B 56 33.70 10.69 2.05
C THR B 56 32.65 11.61 1.44
N VAL B 57 31.47 11.04 1.21
CA VAL B 57 30.37 11.78 0.62
C VAL B 57 29.92 12.88 1.58
N HIS B 58 29.86 12.55 2.87
CA HIS B 58 29.44 13.54 3.86
C HIS B 58 30.44 14.69 3.88
N TYR B 59 31.71 14.35 3.71
CA TYR B 59 32.76 15.35 3.72
C TYR B 59 32.54 16.32 2.56
N ILE B 60 32.46 15.77 1.35
CA ILE B 60 32.26 16.59 0.18
C ILE B 60 31.03 17.51 0.28
N LEU B 61 29.94 16.98 0.81
CA LEU B 61 28.69 17.72 0.97
C LEU B 61 28.79 18.84 2.02
N THR B 62 29.77 18.72 2.90
CA THR B 62 29.97 19.71 3.97
C THR B 62 31.21 20.59 3.78
N HIS B 63 31.74 20.63 2.57
CA HIS B 63 32.91 21.45 2.28
C HIS B 63 32.69 22.06 0.91
N PHE B 64 33.67 22.81 0.42
CA PHE B 64 33.56 23.43 -0.89
C PHE B 64 32.28 24.24 -0.94
N LYS B 65 32.01 24.95 0.15
CA LYS B 65 30.81 25.76 0.22
C LYS B 65 30.67 26.65 -1.00
N GLY B 66 31.80 27.08 -1.55
CA GLY B 66 31.78 27.95 -2.70
C GLY B 66 31.15 27.37 -3.94
N VAL B 67 31.50 26.12 -4.26
CA VAL B 67 30.94 25.47 -5.44
C VAL B 67 29.48 25.09 -5.16
N TRP B 68 29.21 24.71 -3.92
CA TRP B 68 27.84 24.35 -3.55
C TRP B 68 26.95 25.57 -3.77
N ASN B 69 27.56 26.74 -3.71
CA ASN B 69 26.84 27.97 -3.88
C ASN B 69 26.38 28.12 -5.31
N ILE B 70 27.28 27.86 -6.24
CA ILE B 70 26.94 27.97 -7.64
C ILE B 70 25.89 26.90 -7.96
N VAL B 71 26.12 25.68 -7.46
CA VAL B 71 25.22 24.57 -7.68
C VAL B 71 23.84 24.91 -7.15
N ASN B 72 23.79 25.38 -5.91
CA ASN B 72 22.53 25.72 -5.27
C ASN B 72 21.74 26.74 -6.09
N ASN B 73 22.43 27.38 -7.03
CA ASN B 73 21.81 28.38 -7.88
C ASN B 73 21.67 27.98 -9.34
N ILE B 74 21.98 26.72 -9.64
CA ILE B 74 21.84 26.19 -10.98
C ILE B 74 20.80 25.09 -10.86
N PRO B 75 19.51 25.49 -10.92
CA PRO B 75 18.35 24.60 -10.83
C PRO B 75 18.61 23.24 -11.41
N PHE B 76 19.06 23.22 -12.65
CA PHE B 76 19.35 21.96 -13.30
C PHE B 76 20.34 21.13 -12.50
N LEU B 77 21.38 21.79 -12.00
CA LEU B 77 22.41 21.13 -11.22
C LEU B 77 21.87 20.67 -9.89
N ARG B 78 21.18 21.58 -9.22
CA ARG B 78 20.60 21.28 -7.92
C ARG B 78 19.69 20.06 -8.02
N SER B 79 18.86 20.02 -9.05
CA SER B 79 17.95 18.90 -9.28
C SER B 79 18.78 17.65 -9.47
N LEU B 80 19.77 17.79 -10.34
CA LEU B 80 20.67 16.71 -10.66
C LEU B 80 21.24 16.11 -9.38
N ILE B 81 21.77 16.97 -8.52
CA ILE B 81 22.34 16.50 -7.28
C ILE B 81 21.32 15.86 -6.35
N MET B 82 20.19 16.54 -6.16
CA MET B 82 19.16 16.00 -5.28
C MET B 82 18.71 14.64 -5.75
N LYS B 83 18.74 14.43 -7.07
CA LYS B 83 18.36 13.15 -7.63
C LYS B 83 19.33 12.08 -7.15
N TYR B 84 20.63 12.39 -7.18
CA TYR B 84 21.65 11.45 -6.75
C TYR B 84 21.43 11.04 -5.29
N VAL B 85 21.24 12.02 -4.43
CA VAL B 85 21.06 11.74 -3.01
C VAL B 85 19.82 10.91 -2.78
N LEU B 86 18.81 11.12 -3.62
CA LEU B 86 17.55 10.40 -3.51
C LEU B 86 17.75 8.94 -3.94
N THR B 87 18.22 8.75 -5.15
CA THR B 87 18.43 7.40 -5.65
C THR B 87 19.55 6.66 -4.94
N SER B 88 20.51 7.38 -4.35
CA SER B 88 21.60 6.70 -3.65
C SER B 88 21.07 5.95 -2.44
N ARG B 89 19.95 6.43 -1.87
CA ARG B 89 19.35 5.79 -0.72
C ARG B 89 18.50 4.62 -1.17
N SER B 90 17.66 4.89 -2.16
CA SER B 90 16.74 3.91 -2.73
C SER B 90 16.93 2.42 -2.45
N TYR B 91 17.89 1.80 -3.12
CA TYR B 91 18.10 0.37 -2.96
C TYR B 91 18.20 -0.20 -1.54
N LEU B 92 18.01 0.61 -0.50
CA LEU B 92 18.17 0.10 0.86
C LEU B 92 16.99 -0.51 1.62
N ILE B 93 15.79 0.05 1.45
CA ILE B 93 14.63 -0.48 2.17
C ILE B 93 13.79 -1.52 1.42
N ASP B 94 13.33 -2.54 2.13
CA ASP B 94 12.50 -3.57 1.54
C ASP B 94 11.08 -3.03 1.39
N SER B 95 10.62 -2.90 0.15
CA SER B 95 9.29 -2.39 -0.09
C SER B 95 8.72 -2.96 -1.38
N PRO B 96 7.65 -3.76 -1.31
CA PRO B 96 6.85 -4.22 -0.16
C PRO B 96 7.67 -4.73 1.02
N PRO B 97 7.18 -4.48 2.25
CA PRO B 97 7.85 -4.89 3.49
C PRO B 97 7.94 -6.39 3.69
N THR B 98 8.87 -6.80 4.55
CA THR B 98 9.10 -8.21 4.84
C THR B 98 8.84 -8.67 6.28
N TYR B 99 9.88 -8.66 7.13
CA TYR B 99 9.79 -9.11 8.52
C TYR B 99 9.15 -8.20 9.55
N ASN B 100 8.90 -8.75 10.72
CA ASN B 100 8.37 -8.02 11.85
C ASN B 100 8.77 -8.79 13.11
N VAL B 101 8.38 -8.27 14.28
CA VAL B 101 8.77 -8.91 15.51
C VAL B 101 8.54 -10.40 15.57
N HIS B 102 7.41 -10.87 15.01
CA HIS B 102 7.08 -12.28 15.03
C HIS B 102 7.50 -13.13 13.86
N TYR B 103 7.93 -12.51 12.77
CA TYR B 103 8.32 -13.28 11.61
C TYR B 103 9.72 -13.03 11.10
N GLY B 104 10.57 -14.02 11.28
CA GLY B 104 11.94 -13.93 10.83
C GLY B 104 12.04 -14.42 9.41
N TYR B 105 10.89 -14.73 8.81
CA TYR B 105 10.82 -15.19 7.43
C TYR B 105 9.57 -14.54 6.81
N LYS B 106 9.58 -14.29 5.49
CA LYS B 106 8.42 -13.68 4.84
C LYS B 106 7.20 -14.55 5.01
N SER B 107 6.07 -13.89 5.25
CA SER B 107 4.83 -14.61 5.43
C SER B 107 3.72 -13.64 5.06
N TRP B 108 2.54 -14.15 4.76
CA TRP B 108 1.45 -13.27 4.39
C TRP B 108 0.98 -12.50 5.61
N GLU B 109 1.17 -13.09 6.78
CA GLU B 109 0.75 -12.42 8.00
C GLU B 109 1.64 -11.19 8.21
N ALA B 110 2.94 -11.38 8.07
CA ALA B 110 3.87 -10.27 8.24
C ALA B 110 3.56 -9.20 7.22
N PHE B 111 3.29 -9.59 5.99
CA PHE B 111 2.98 -8.60 4.97
C PHE B 111 1.69 -7.84 5.19
N SER B 112 0.61 -8.59 5.38
CA SER B 112 -0.70 -7.97 5.50
C SER B 112 -1.05 -7.26 6.77
N ASN B 113 -0.52 -7.73 7.89
CA ASN B 113 -0.89 -7.12 9.16
C ASN B 113 -0.28 -5.75 9.42
N LEU B 114 -1.05 -4.71 9.17
CA LEU B 114 -0.58 -3.34 9.34
C LEU B 114 -0.41 -2.89 10.78
N SER B 115 -0.73 -3.75 11.72
CA SER B 115 -0.63 -3.40 13.13
C SER B 115 0.80 -3.54 13.69
N TYR B 116 1.68 -4.12 12.88
CA TYR B 116 3.06 -4.35 13.23
C TYR B 116 3.96 -3.29 12.64
N TYR B 117 5.07 -3.01 13.30
CA TYR B 117 6.04 -2.10 12.71
C TYR B 117 6.77 -3.13 11.84
N THR B 118 7.27 -2.72 10.69
CA THR B 118 8.01 -3.71 9.91
C THR B 118 9.46 -3.76 10.45
N ARG B 119 10.27 -4.70 9.97
CA ARG B 119 11.65 -4.81 10.46
C ARG B 119 12.70 -4.81 9.35
N ALA B 120 13.73 -3.99 9.51
CA ALA B 120 14.80 -3.94 8.52
C ALA B 120 15.62 -5.24 8.59
N LEU B 121 15.78 -5.77 9.79
CA LEU B 121 16.49 -7.03 9.97
C LEU B 121 15.55 -7.93 10.78
N PRO B 122 15.42 -9.20 10.38
CA PRO B 122 14.53 -10.11 11.12
C PRO B 122 14.93 -10.26 12.59
N PRO B 123 13.99 -10.70 13.44
CA PRO B 123 14.37 -10.85 14.86
C PRO B 123 15.32 -12.04 15.00
N VAL B 124 15.99 -12.13 16.15
CA VAL B 124 16.89 -13.25 16.41
C VAL B 124 15.95 -14.35 16.85
N ALA B 125 16.04 -15.51 16.20
CA ALA B 125 15.15 -16.63 16.52
C ALA B 125 15.17 -16.95 18.01
N ASP B 126 14.00 -17.21 18.56
CA ASP B 126 13.87 -17.51 19.98
C ASP B 126 14.73 -18.65 20.50
N ASP B 127 15.06 -19.61 19.65
CA ASP B 127 15.87 -20.73 20.12
C ASP B 127 17.39 -20.54 20.05
N CYS B 128 17.84 -19.34 19.69
CA CYS B 128 19.27 -19.11 19.61
C CYS B 128 19.86 -19.15 21.02
N PRO B 129 21.12 -19.59 21.17
CA PRO B 129 21.83 -19.69 22.45
C PRO B 129 21.99 -18.34 23.13
N THR B 130 22.54 -17.38 22.41
CA THR B 130 22.75 -16.05 22.96
C THR B 130 21.77 -15.06 22.35
N PRO B 131 21.56 -13.93 23.03
CA PRO B 131 20.65 -12.88 22.57
C PRO B 131 20.92 -12.31 21.19
N MET B 132 22.17 -12.29 20.78
CA MET B 132 22.49 -11.76 19.47
C MET B 132 22.63 -12.89 18.46
N GLY B 133 22.31 -14.10 18.91
CA GLY B 133 22.41 -15.25 18.04
C GLY B 133 23.24 -16.30 18.72
N VAL B 134 24.55 -16.28 18.46
CA VAL B 134 25.46 -17.24 19.07
C VAL B 134 26.65 -16.54 19.75
N LYS B 135 26.77 -15.22 19.56
CA LYS B 135 27.86 -14.45 20.16
C LYS B 135 27.44 -13.82 21.48
N GLY B 136 28.44 -13.53 22.32
CA GLY B 136 28.16 -12.93 23.62
C GLY B 136 27.80 -13.96 24.67
N ASN B 137 27.24 -13.51 25.77
CA ASN B 137 26.86 -14.41 26.86
C ASN B 137 25.37 -14.71 26.82
N LYS B 138 24.95 -15.67 27.64
CA LYS B 138 23.53 -16.04 27.69
C LYS B 138 22.71 -14.79 27.95
N GLU B 139 23.38 -13.74 28.43
CA GLU B 139 22.71 -12.49 28.73
C GLU B 139 23.49 -11.27 28.29
N LEU B 140 22.76 -10.24 27.89
CA LEU B 140 23.35 -8.97 27.49
C LEU B 140 23.59 -8.22 28.81
N PRO B 141 24.52 -7.24 28.84
CA PRO B 141 24.80 -6.50 30.07
C PRO B 141 23.63 -5.68 30.63
N ASP B 142 23.54 -5.62 31.95
CA ASP B 142 22.50 -4.87 32.64
C ASP B 142 22.27 -3.52 31.96
N SER B 143 21.03 -3.22 31.62
CA SER B 143 20.70 -1.97 30.94
C SER B 143 20.86 -0.75 31.82
N LYS B 144 20.68 -0.92 33.13
CA LYS B 144 20.85 0.19 34.05
C LYS B 144 22.33 0.59 34.02
N GLU B 145 23.20 -0.42 33.98
CA GLU B 145 24.65 -0.24 33.94
C GLU B 145 25.08 0.53 32.71
N VAL B 146 24.59 0.08 31.55
CA VAL B 146 24.89 0.73 30.28
C VAL B 146 24.36 2.15 30.34
N LEU B 147 23.10 2.27 30.76
CA LEU B 147 22.44 3.56 30.90
C LEU B 147 23.31 4.57 31.65
N GLU B 148 23.62 4.25 32.90
CA GLU B 148 24.43 5.12 33.75
C GLU B 148 25.87 5.38 33.29
N LYS B 149 26.61 4.30 33.03
CA LYS B 149 27.99 4.42 32.63
C LYS B 149 28.25 5.25 31.38
N VAL B 150 27.41 5.10 30.36
CA VAL B 150 27.67 5.83 29.13
C VAL B 150 26.52 6.61 28.49
N LEU B 151 25.31 6.53 29.04
CA LEU B 151 24.18 7.24 28.44
C LEU B 151 23.73 8.45 29.22
N LEU B 152 23.68 8.34 30.54
CA LEU B 152 23.22 9.46 31.35
C LEU B 152 24.07 10.71 31.22
N ARG B 153 23.39 11.84 31.30
CA ARG B 153 24.03 13.14 31.19
C ARG B 153 24.61 13.62 32.51
N ARG B 154 25.85 14.09 32.48
CA ARG B 154 26.45 14.66 33.68
C ARG B 154 26.27 16.16 33.48
N GLU B 155 27.02 16.73 32.55
CA GLU B 155 26.90 18.14 32.22
C GLU B 155 26.23 18.24 30.85
N PHE B 156 25.30 19.16 30.69
CA PHE B 156 24.61 19.33 29.42
C PHE B 156 25.65 19.51 28.31
N ILE B 157 25.54 18.71 27.27
CA ILE B 157 26.45 18.83 26.13
C ILE B 157 25.57 19.43 25.02
N PRO B 158 25.80 20.70 24.67
CA PRO B 158 25.00 21.36 23.63
C PRO B 158 25.31 20.82 22.26
N ASP B 159 24.30 20.79 21.39
CA ASP B 159 24.47 20.30 20.02
C ASP B 159 25.33 21.28 19.22
N PRO B 160 26.46 20.81 18.68
CA PRO B 160 27.32 21.69 17.90
C PRO B 160 26.65 22.31 16.66
N GLN B 161 25.65 21.63 16.12
CA GLN B 161 24.94 22.12 14.93
C GLN B 161 23.90 23.18 15.24
N GLY B 162 23.73 23.50 16.51
CA GLY B 162 22.79 24.54 16.89
C GLY B 162 21.30 24.24 16.98
N SER B 163 20.94 22.97 16.97
CA SER B 163 19.53 22.61 17.06
C SER B 163 18.91 23.32 18.26
N ASN B 164 17.66 23.79 18.12
CA ASN B 164 17.00 24.48 19.23
C ASN B 164 15.76 23.73 19.69
N MET B 165 14.94 24.38 20.50
CA MET B 165 13.73 23.75 21.00
C MET B 165 12.62 23.71 19.96
N MET B 166 12.72 24.57 18.95
CA MET B 166 11.74 24.56 17.89
C MET B 166 11.93 23.24 17.17
N PHE B 167 13.19 22.87 16.96
CA PHE B 167 13.52 21.63 16.28
C PHE B 167 13.16 20.41 17.13
N ALA B 168 13.54 20.44 18.39
CA ALA B 168 13.27 19.32 19.28
C ALA B 168 11.79 18.98 19.34
N PHE B 169 10.95 20.00 19.47
CA PHE B 169 9.51 19.76 19.56
C PHE B 169 8.87 19.43 18.22
N PHE B 170 9.45 19.91 17.13
CA PHE B 170 8.92 19.60 15.82
C PHE B 170 9.18 18.11 15.56
N ALA B 171 10.34 17.64 16.01
CA ALA B 171 10.72 16.25 15.83
C ALA B 171 9.73 15.37 16.57
N GLN B 172 9.37 15.80 17.77
CA GLN B 172 8.44 15.07 18.59
C GLN B 172 7.02 15.08 18.03
N HIS B 173 6.57 16.26 17.64
CA HIS B 173 5.25 16.43 17.09
C HIS B 173 5.10 15.68 15.74
N PHE B 174 6.02 15.96 14.82
CA PHE B 174 6.00 15.33 13.52
C PHE B 174 5.96 13.81 13.58
N THR B 175 6.98 13.21 14.19
CA THR B 175 7.07 11.74 14.27
C THR B 175 5.99 11.08 15.08
N ALA B 176 5.25 11.88 15.83
CA ALA B 176 4.18 11.34 16.64
C ALA B 176 3.03 10.80 15.79
N GLN B 177 2.97 11.18 14.53
CA GLN B 177 1.89 10.70 13.66
C GLN B 177 2.18 9.30 13.15
N PHE B 178 3.45 8.91 13.10
CA PHE B 178 3.73 7.56 12.65
C PHE B 178 4.42 6.64 13.65
N PHE B 179 4.89 7.17 14.77
CA PHE B 179 5.49 6.33 15.82
C PHE B 179 4.44 6.35 16.92
N LYS B 180 3.45 5.47 16.82
CA LYS B 180 2.40 5.41 17.82
C LYS B 180 2.30 4.00 18.32
N THR B 181 3.29 3.63 19.11
CA THR B 181 3.35 2.30 19.64
C THR B 181 2.09 1.88 20.40
N ASP B 182 1.63 0.66 20.09
CA ASP B 182 0.44 0.10 20.71
C ASP B 182 0.85 -0.71 21.94
N HIS B 183 1.08 0.02 23.04
CA HIS B 183 1.51 -0.56 24.31
C HIS B 183 0.74 -1.78 24.80
N LYS B 184 -0.56 -1.81 24.57
CA LYS B 184 -1.34 -2.95 25.02
C LYS B 184 -0.94 -4.21 24.25
N ARG B 185 -0.33 -4.03 23.09
CA ARG B 185 0.09 -5.15 22.26
C ARG B 185 1.57 -5.42 22.36
N GLY B 186 2.37 -4.37 22.40
CA GLY B 186 3.80 -4.59 22.52
C GLY B 186 4.59 -3.57 21.74
N PRO B 187 5.89 -3.50 22.01
CA PRO B 187 6.78 -2.55 21.34
C PRO B 187 6.84 -2.69 19.81
N GLY B 188 6.63 -3.90 19.31
CA GLY B 188 6.69 -4.11 17.87
C GLY B 188 5.38 -3.85 17.14
N PHE B 189 4.41 -3.23 17.82
CA PHE B 189 3.10 -2.92 17.24
C PHE B 189 2.83 -1.43 17.19
N THR B 190 2.05 -0.98 16.21
CA THR B 190 1.72 0.43 16.07
C THR B 190 0.24 0.69 15.86
N ARG B 191 -0.20 1.88 16.18
CA ARG B 191 -1.60 2.23 15.98
C ARG B 191 -1.71 3.15 14.78
N GLY B 192 -0.57 3.52 14.21
CA GLY B 192 -0.55 4.36 13.03
C GLY B 192 -0.63 3.50 11.79
N LEU B 193 -1.84 3.04 11.47
CA LEU B 193 -2.03 2.18 10.31
C LEU B 193 -1.76 2.88 9.00
N GLY B 194 -1.57 4.19 9.05
CA GLY B 194 -1.26 4.91 7.82
C GLY B 194 0.20 4.74 7.45
N HIS B 195 1.02 4.39 8.44
CA HIS B 195 2.44 4.18 8.25
C HIS B 195 3.16 5.30 7.52
N GLY B 196 2.88 6.54 7.89
CA GLY B 196 3.53 7.67 7.25
C GLY B 196 2.99 9.04 7.60
N VAL B 197 3.35 10.01 6.76
CA VAL B 197 2.92 11.38 6.97
C VAL B 197 1.49 11.57 6.48
N ASP B 198 0.51 11.22 7.30
CA ASP B 198 -0.89 11.39 6.89
C ASP B 198 -1.54 12.47 7.69
N LEU B 199 -0.78 13.02 8.63
CA LEU B 199 -1.23 14.10 9.51
C LEU B 199 -2.38 13.71 10.40
N ASN B 200 -2.41 12.45 10.83
CA ASN B 200 -3.47 11.97 11.72
C ASN B 200 -3.31 12.58 13.11
N HIS B 201 -2.15 13.18 13.39
CA HIS B 201 -1.93 13.79 14.68
C HIS B 201 -2.63 15.16 14.73
N ILE B 202 -3.18 15.58 13.58
CA ILE B 202 -3.92 16.82 13.51
C ILE B 202 -5.39 16.48 13.30
N TYR B 203 -5.63 15.59 12.33
CA TYR B 203 -6.97 15.17 11.95
C TYR B 203 -7.58 13.94 12.63
N GLY B 204 -6.77 13.13 13.31
CA GLY B 204 -7.29 11.95 13.96
C GLY B 204 -7.07 10.72 13.10
N GLU B 205 -6.86 9.57 13.74
CA GLU B 205 -6.66 8.29 13.05
C GLU B 205 -7.92 7.76 12.41
N THR B 206 -9.06 8.06 13.02
CA THR B 206 -10.34 7.58 12.55
C THR B 206 -11.28 8.67 12.12
N LEU B 207 -12.24 8.27 11.27
CA LEU B 207 -13.26 9.17 10.76
C LEU B 207 -14.08 9.74 11.90
N ASP B 208 -14.47 8.89 12.84
CA ASP B 208 -15.25 9.34 13.99
C ASP B 208 -14.57 10.49 14.71
N ARG B 209 -13.26 10.36 14.88
CA ARG B 209 -12.50 11.41 15.55
C ARG B 209 -12.48 12.66 14.69
N GLN B 210 -12.00 12.51 13.46
CA GLN B 210 -11.91 13.61 12.53
C GLN B 210 -13.20 14.40 12.53
N HIS B 211 -14.31 13.70 12.42
CA HIS B 211 -15.58 14.36 12.40
C HIS B 211 -15.85 15.20 13.65
N LYS B 212 -15.41 14.73 14.81
CA LYS B 212 -15.59 15.46 16.07
C LYS B 212 -14.72 16.71 16.14
N LEU B 213 -13.65 16.73 15.35
CA LEU B 213 -12.74 17.86 15.35
C LEU B 213 -13.08 18.89 14.27
N ARG B 214 -13.93 18.50 13.33
CA ARG B 214 -14.30 19.38 12.23
C ARG B 214 -15.45 20.32 12.52
N LEU B 215 -15.43 21.47 11.88
CA LEU B 215 -16.44 22.49 12.05
C LEU B 215 -17.61 22.24 11.11
N PHE B 216 -17.31 21.60 9.98
CA PHE B 216 -18.30 21.31 8.94
C PHE B 216 -18.84 22.58 8.32
N LYS B 217 -17.94 23.54 8.18
CA LYS B 217 -18.23 24.80 7.56
C LYS B 217 -16.88 25.25 7.02
N ASP B 218 -16.87 25.62 5.74
CA ASP B 218 -15.67 26.08 5.07
C ASP B 218 -14.51 25.09 5.10
N GLY B 219 -14.82 23.84 5.41
CA GLY B 219 -13.80 22.78 5.48
C GLY B 219 -12.86 22.89 6.67
N LYS B 220 -13.20 23.78 7.59
CA LYS B 220 -12.37 24.03 8.75
C LYS B 220 -12.45 23.06 9.92
N LEU B 221 -11.53 23.28 10.86
CA LEU B 221 -11.41 22.50 12.09
C LEU B 221 -12.03 23.37 13.18
N LYS B 222 -12.69 22.75 14.16
CA LYS B 222 -13.28 23.53 15.25
C LYS B 222 -12.14 24.19 16.01
N TYR B 223 -12.45 25.25 16.74
CA TYR B 223 -11.44 25.96 17.51
C TYR B 223 -12.13 26.92 18.45
N GLN B 224 -11.43 27.34 19.50
CA GLN B 224 -11.99 28.30 20.43
C GLN B 224 -11.10 29.52 20.36
N VAL B 225 -11.63 30.65 20.80
CA VAL B 225 -10.87 31.88 20.78
C VAL B 225 -10.74 32.39 22.21
N ILE B 226 -9.54 32.27 22.77
CA ILE B 226 -9.30 32.71 24.14
C ILE B 226 -8.43 33.94 24.09
N GLY B 227 -8.92 35.02 24.68
CA GLY B 227 -8.15 36.25 24.68
C GLY B 227 -7.78 36.69 23.28
N GLY B 228 -8.70 36.48 22.34
CA GLY B 228 -8.46 36.87 20.97
C GLY B 228 -7.57 35.91 20.19
N GLU B 229 -7.11 34.86 20.86
CA GLU B 229 -6.23 33.85 20.25
C GLU B 229 -6.95 32.53 19.91
N VAL B 230 -6.67 32.00 18.72
CA VAL B 230 -7.27 30.75 18.25
C VAL B 230 -6.53 29.55 18.80
N TYR B 231 -7.26 28.64 19.45
CA TYR B 231 -6.64 27.45 20.01
C TYR B 231 -7.56 26.27 19.71
N PRO B 232 -7.04 25.03 19.80
CA PRO B 232 -7.89 23.86 19.53
C PRO B 232 -9.12 23.90 20.44
N PRO B 233 -10.20 23.20 20.06
CA PRO B 233 -11.41 23.21 20.89
C PRO B 233 -11.24 22.36 22.15
N THR B 234 -12.26 22.34 22.98
CA THR B 234 -12.20 21.59 24.21
C THR B 234 -12.80 20.18 24.04
N VAL B 235 -12.61 19.36 25.06
CA VAL B 235 -13.16 18.02 25.05
C VAL B 235 -14.67 18.06 25.28
N LYS B 236 -15.11 18.97 26.14
CA LYS B 236 -16.53 19.08 26.43
C LYS B 236 -17.31 19.42 25.16
N ASP B 237 -16.73 20.25 24.32
CA ASP B 237 -17.41 20.64 23.11
C ASP B 237 -17.37 19.61 21.99
N THR B 238 -16.20 19.01 21.78
CA THR B 238 -16.06 18.04 20.70
C THR B 238 -16.38 16.63 21.12
N GLN B 239 -16.26 16.34 22.41
CA GLN B 239 -16.53 15.00 22.92
C GLN B 239 -15.59 13.95 22.34
N VAL B 240 -14.42 14.39 21.91
CA VAL B 240 -13.46 13.47 21.36
C VAL B 240 -12.91 12.72 22.54
N GLU B 241 -12.99 11.40 22.50
CA GLU B 241 -12.45 10.60 23.58
C GLU B 241 -11.04 11.08 23.85
N MET B 242 -10.82 11.52 25.06
CA MET B 242 -9.54 12.05 25.50
C MET B 242 -9.92 12.34 26.94
N ILE B 243 -9.10 11.86 27.87
CA ILE B 243 -9.40 12.08 29.28
C ILE B 243 -8.15 12.67 29.92
N TYR B 244 -8.29 13.89 30.41
CA TYR B 244 -7.19 14.62 31.04
C TYR B 244 -7.28 14.44 32.55
N PRO B 245 -6.16 14.65 33.25
CA PRO B 245 -6.26 14.51 34.70
C PRO B 245 -7.45 15.44 35.01
N PRO B 246 -8.35 15.00 35.89
CA PRO B 246 -9.55 15.73 36.31
C PRO B 246 -9.42 17.17 36.74
N HIS B 247 -8.23 17.59 37.11
CA HIS B 247 -8.10 18.97 37.56
C HIS B 247 -7.92 19.98 36.44
N ILE B 248 -7.57 19.52 35.24
CA ILE B 248 -7.38 20.47 34.16
C ILE B 248 -8.64 21.26 33.85
N PRO B 249 -8.54 22.60 33.88
CA PRO B 249 -9.71 23.44 33.58
C PRO B 249 -10.35 22.98 32.27
N GLU B 250 -11.66 23.12 32.19
CA GLU B 250 -12.42 22.72 31.02
C GLU B 250 -11.83 23.26 29.71
N ASN B 251 -11.68 24.58 29.62
CA ASN B 251 -11.14 25.17 28.39
C ASN B 251 -9.68 24.83 28.12
N LEU B 252 -9.00 24.19 29.06
CA LEU B 252 -7.61 23.84 28.85
C LEU B 252 -7.47 22.38 28.44
N GLN B 253 -8.61 21.72 28.31
CA GLN B 253 -8.62 20.33 27.88
C GLN B 253 -8.79 20.31 26.37
N PHE B 254 -7.73 20.68 25.66
CA PHE B 254 -7.73 20.74 24.21
C PHE B 254 -8.00 19.41 23.56
N ALA B 255 -8.67 19.49 22.42
CA ALA B 255 -8.98 18.30 21.66
C ALA B 255 -8.18 18.45 20.38
N VAL B 256 -7.26 17.53 20.15
CA VAL B 256 -6.46 17.57 18.93
C VAL B 256 -6.39 16.17 18.36
N GLY B 257 -5.85 16.05 17.15
CA GLY B 257 -5.75 14.77 16.50
C GLY B 257 -5.07 13.71 17.34
N GLN B 258 -3.92 14.04 17.91
CA GLN B 258 -3.19 13.09 18.73
C GLN B 258 -3.50 13.33 20.19
N GLU B 259 -4.15 12.35 20.79
CA GLU B 259 -4.56 12.43 22.19
C GLU B 259 -3.44 12.56 23.22
N VAL B 260 -2.19 12.59 22.79
CA VAL B 260 -1.08 12.67 23.72
C VAL B 260 -0.39 14.05 23.79
N PHE B 261 -0.70 14.93 22.85
CA PHE B 261 -0.09 16.26 22.81
C PHE B 261 -0.66 17.16 23.90
N GLY B 262 -1.91 16.91 24.25
CA GLY B 262 -2.62 17.71 25.22
C GLY B 262 -1.85 18.02 26.48
N LEU B 263 -0.86 17.20 26.78
CA LEU B 263 -0.09 17.40 27.98
C LEU B 263 0.96 18.50 27.78
N VAL B 264 1.96 18.18 26.96
CA VAL B 264 3.06 19.06 26.65
C VAL B 264 2.74 20.40 25.96
N PRO B 265 3.04 21.53 26.63
CA PRO B 265 2.79 22.86 26.07
C PRO B 265 3.53 23.04 24.73
N GLY B 266 4.68 22.38 24.59
CA GLY B 266 5.46 22.48 23.38
C GLY B 266 4.82 21.76 22.22
N LEU B 267 4.15 20.64 22.50
CA LEU B 267 3.47 19.87 21.48
C LEU B 267 2.16 20.58 21.12
N MET B 268 1.46 21.08 22.15
CA MET B 268 0.21 21.80 21.95
C MET B 268 0.43 23.08 21.13
N MET B 269 1.65 23.59 21.15
CA MET B 269 2.00 24.79 20.41
C MET B 269 1.99 24.49 18.92
N TYR B 270 2.56 23.36 18.54
CA TYR B 270 2.58 22.99 17.14
C TYR B 270 1.17 22.59 16.75
N ALA B 271 0.46 21.92 17.65
CA ALA B 271 -0.91 21.52 17.35
C ALA B 271 -1.74 22.75 16.97
N THR B 272 -1.55 23.83 17.72
CA THR B 272 -2.26 25.08 17.52
C THR B 272 -1.84 25.74 16.21
N ILE B 273 -0.56 25.66 15.90
CA ILE B 273 -0.04 26.28 14.69
C ILE B 273 -0.59 25.60 13.44
N TRP B 274 -0.57 24.27 13.42
CA TRP B 274 -1.08 23.54 12.26
C TRP B 274 -2.59 23.67 12.15
N LEU B 275 -3.31 23.72 13.28
CA LEU B 275 -4.77 23.88 13.25
C LEU B 275 -5.02 25.21 12.55
N ARG B 276 -4.27 26.22 12.98
CA ARG B 276 -4.39 27.56 12.43
C ARG B 276 -4.09 27.51 10.92
N GLU B 277 -3.02 26.82 10.54
CA GLU B 277 -2.64 26.73 9.14
C GLU B 277 -3.72 26.04 8.27
N HIS B 278 -4.46 25.10 8.85
CA HIS B 278 -5.50 24.39 8.12
C HIS B 278 -6.58 25.38 7.73
N GLN B 279 -7.06 26.13 8.71
CA GLN B 279 -8.10 27.14 8.51
C GLN B 279 -7.64 28.19 7.50
N ARG B 280 -6.38 28.57 7.62
CA ARG B 280 -5.78 29.54 6.74
C ARG B 280 -5.96 29.06 5.31
N VAL B 281 -5.47 27.85 5.06
CA VAL B 281 -5.56 27.27 3.75
C VAL B 281 -7.02 27.15 3.32
N CYS B 282 -7.90 26.86 4.27
CA CYS B 282 -9.33 26.73 3.96
C CYS B 282 -9.86 28.05 3.42
N ASP B 283 -9.45 29.14 4.06
CA ASP B 283 -9.86 30.47 3.66
C ASP B 283 -9.34 30.79 2.25
N ILE B 284 -8.11 30.41 2.00
CA ILE B 284 -7.49 30.65 0.70
C ILE B 284 -8.22 29.89 -0.40
N LEU B 285 -8.52 28.63 -0.15
CA LEU B 285 -9.20 27.80 -1.14
C LEU B 285 -10.63 28.25 -1.36
N LYS B 286 -11.29 28.68 -0.28
CA LYS B 286 -12.66 29.13 -0.39
C LYS B 286 -12.70 30.31 -1.34
N GLN B 287 -11.69 31.16 -1.23
CA GLN B 287 -11.60 32.33 -2.07
C GLN B 287 -11.47 31.96 -3.53
N GLU B 288 -10.71 30.90 -3.80
CA GLU B 288 -10.48 30.44 -5.17
C GLU B 288 -11.65 29.60 -5.66
N HIS B 289 -12.34 28.95 -4.73
CA HIS B 289 -13.43 28.08 -5.09
C HIS B 289 -14.68 28.36 -4.27
N PRO B 290 -15.32 29.50 -4.55
CA PRO B 290 -16.53 29.91 -3.85
C PRO B 290 -17.62 28.88 -4.11
N GLU B 291 -17.36 28.04 -5.10
CA GLU B 291 -18.29 26.99 -5.51
C GLU B 291 -18.06 25.67 -4.80
N TRP B 292 -17.02 25.58 -3.99
CA TRP B 292 -16.73 24.33 -3.29
C TRP B 292 -17.51 24.24 -1.99
N GLY B 293 -17.64 23.01 -1.49
CA GLY B 293 -18.32 22.79 -0.23
C GLY B 293 -17.32 22.44 0.85
N ASP B 294 -17.84 22.20 2.05
CA ASP B 294 -17.05 21.88 3.21
C ASP B 294 -16.11 20.66 3.02
N GLU B 295 -16.65 19.55 2.56
CA GLU B 295 -15.84 18.34 2.36
C GLU B 295 -14.59 18.59 1.51
N GLN B 296 -14.79 19.10 0.30
CA GLN B 296 -13.66 19.34 -0.59
C GLN B 296 -12.69 20.37 -0.03
N LEU B 297 -13.23 21.37 0.64
CA LEU B 297 -12.39 22.39 1.24
C LEU B 297 -11.53 21.68 2.27
N PHE B 298 -12.16 20.89 3.14
CA PHE B 298 -11.42 20.16 4.16
C PHE B 298 -10.39 19.23 3.57
N GLN B 299 -10.85 18.32 2.72
CA GLN B 299 -9.98 17.33 2.09
C GLN B 299 -8.82 17.93 1.32
N THR B 300 -9.10 18.99 0.58
CA THR B 300 -8.05 19.62 -0.22
C THR B 300 -7.03 20.32 0.68
N SER B 301 -7.51 20.90 1.77
CA SER B 301 -6.61 21.56 2.71
C SER B 301 -5.70 20.51 3.37
N LYS B 302 -6.27 19.34 3.72
CA LYS B 302 -5.47 18.29 4.34
C LYS B 302 -4.38 17.82 3.40
N LEU B 303 -4.67 17.77 2.10
CA LEU B 303 -3.70 17.32 1.13
C LEU B 303 -2.57 18.32 1.03
N ILE B 304 -2.92 19.60 1.14
CA ILE B 304 -1.93 20.66 1.05
C ILE B 304 -1.02 20.68 2.27
N LEU B 305 -1.60 20.48 3.46
CA LEU B 305 -0.78 20.47 4.65
C LEU B 305 0.15 19.27 4.66
N ILE B 306 -0.29 18.15 4.10
CA ILE B 306 0.57 16.97 4.03
C ILE B 306 1.77 17.39 3.20
N GLY B 307 1.52 18.09 2.10
CA GLY B 307 2.60 18.55 1.23
C GLY B 307 3.50 19.56 1.90
N GLU B 308 2.90 20.47 2.65
CA GLU B 308 3.66 21.49 3.36
C GLU B 308 4.57 20.80 4.35
N THR B 309 4.04 19.80 5.04
CA THR B 309 4.79 19.04 6.03
C THR B 309 6.02 18.37 5.39
N ILE B 310 5.81 17.71 4.27
CA ILE B 310 6.92 17.05 3.60
C ILE B 310 7.94 18.05 3.10
N LYS B 311 7.44 19.18 2.58
CA LYS B 311 8.32 20.24 2.08
C LYS B 311 9.22 20.76 3.19
N ILE B 312 8.63 21.11 4.32
CA ILE B 312 9.37 21.60 5.47
C ILE B 312 10.34 20.56 6.03
N VAL B 313 9.89 19.33 6.14
CA VAL B 313 10.76 18.30 6.68
C VAL B 313 12.00 18.09 5.84
N ILE B 314 11.90 18.24 4.52
CA ILE B 314 13.07 18.02 3.68
C ILE B 314 13.96 19.24 3.57
N GLU B 315 13.37 20.35 3.19
CA GLU B 315 14.11 21.58 2.98
C GLU B 315 14.52 22.36 4.23
N ASP B 316 13.85 22.11 5.35
CA ASP B 316 14.18 22.80 6.59
C ASP B 316 14.73 21.84 7.65
N TYR B 317 13.91 20.87 8.04
CA TYR B 317 14.26 19.90 9.06
C TYR B 317 15.48 19.07 8.71
N VAL B 318 15.37 18.25 7.67
CA VAL B 318 16.49 17.40 7.26
C VAL B 318 17.68 18.25 6.82
N GLN B 319 17.39 19.34 6.11
CA GLN B 319 18.45 20.25 5.66
C GLN B 319 19.32 20.58 6.86
N HIS B 320 18.69 21.07 7.92
CA HIS B 320 19.38 21.43 9.15
C HIS B 320 20.19 20.26 9.71
N LEU B 321 19.51 19.15 9.95
CA LEU B 321 20.14 17.96 10.48
C LEU B 321 21.35 17.54 9.68
N SER B 322 21.26 17.61 8.36
CA SER B 322 22.34 17.19 7.50
C SER B 322 23.66 17.96 7.65
N GLY B 323 23.58 19.28 7.71
CA GLY B 323 24.78 20.10 7.80
C GLY B 323 25.37 20.31 6.41
N TYR B 324 24.62 19.91 5.39
CA TYR B 324 25.11 20.05 4.02
C TYR B 324 25.09 21.50 3.57
N HIS B 325 25.99 21.82 2.63
CA HIS B 325 26.02 23.15 2.07
C HIS B 325 25.08 23.13 0.88
N PHE B 326 24.83 21.93 0.40
CA PHE B 326 23.91 21.71 -0.71
C PHE B 326 22.46 21.87 -0.22
N LYS B 327 21.65 22.60 -0.97
CA LYS B 327 20.26 22.82 -0.57
C LYS B 327 19.36 21.65 -0.98
N LEU B 328 19.00 20.81 -0.02
CA LEU B 328 18.12 19.66 -0.26
C LEU B 328 16.83 20.18 -0.88
N LYS B 329 16.21 19.36 -1.71
CA LYS B 329 15.00 19.82 -2.39
C LYS B 329 13.86 18.82 -2.41
N PHE B 330 12.65 19.33 -2.25
CA PHE B 330 11.48 18.48 -2.30
C PHE B 330 10.92 18.56 -3.71
N ASP B 331 11.16 17.53 -4.51
CA ASP B 331 10.67 17.51 -5.89
C ASP B 331 10.31 16.09 -6.32
N PRO B 332 9.02 15.72 -6.18
CA PRO B 332 8.59 14.37 -6.56
C PRO B 332 9.00 14.00 -7.98
N GLU B 333 9.04 15.00 -8.86
CA GLU B 333 9.40 14.79 -10.26
C GLU B 333 10.75 14.13 -10.42
N LEU B 334 11.62 14.36 -9.45
CA LEU B 334 12.95 13.80 -9.51
C LEU B 334 12.93 12.28 -9.55
N LEU B 335 11.85 11.70 -9.03
CA LEU B 335 11.71 10.25 -8.98
C LEU B 335 10.90 9.64 -10.11
N PHE B 336 10.18 10.46 -10.86
CA PHE B 336 9.34 9.97 -11.96
C PHE B 336 9.99 9.04 -13.00
N ASN B 337 11.28 9.23 -13.28
CA ASN B 337 11.94 8.36 -14.27
C ASN B 337 12.73 7.27 -13.57
N GLN B 338 12.53 7.15 -12.26
CA GLN B 338 13.23 6.17 -11.45
C GLN B 338 12.29 5.07 -11.03
N GLN B 339 12.84 3.91 -10.67
CA GLN B 339 12.01 2.82 -10.20
C GLN B 339 11.85 3.13 -8.72
N PHE B 340 10.63 3.38 -8.28
CA PHE B 340 10.43 3.72 -6.88
C PHE B 340 9.01 3.32 -6.48
N GLN B 341 8.85 2.75 -5.30
CA GLN B 341 7.54 2.31 -4.81
C GLN B 341 6.89 3.34 -3.94
N TYR B 342 5.71 3.81 -4.37
CA TYR B 342 4.98 4.79 -3.59
C TYR B 342 4.16 4.10 -2.53
N GLN B 343 4.86 3.54 -1.56
CA GLN B 343 4.25 2.89 -0.42
C GLN B 343 5.31 2.84 0.66
N ASN B 344 4.87 2.70 1.90
CA ASN B 344 5.81 2.66 3.00
C ASN B 344 5.20 2.01 4.19
N ARG B 345 6.05 1.31 4.96
CA ARG B 345 5.61 0.65 6.18
C ARG B 345 6.67 1.04 7.18
N ILE B 346 6.25 1.68 8.30
CA ILE B 346 7.21 2.13 9.29
C ILE B 346 7.94 1.01 10.00
N ALA B 347 9.27 1.14 10.03
CA ALA B 347 10.16 0.14 10.62
C ALA B 347 10.37 0.34 12.10
N SER B 348 10.43 -0.77 12.83
CA SER B 348 10.63 -0.72 14.26
C SER B 348 11.95 0.00 14.53
N GLU B 349 12.95 -0.31 13.70
CA GLU B 349 14.27 0.28 13.82
C GLU B 349 14.28 1.79 13.62
N PHE B 350 13.38 2.29 12.78
CA PHE B 350 13.31 3.72 12.56
C PHE B 350 12.82 4.36 13.84
N ASN B 351 11.93 3.66 14.52
CA ASN B 351 11.39 4.18 15.76
C ASN B 351 12.48 4.20 16.83
N THR B 352 13.24 3.12 16.91
CA THR B 352 14.31 2.99 17.87
C THR B 352 15.39 4.06 17.71
N LEU B 353 15.94 4.17 16.52
CA LEU B 353 16.98 5.15 16.26
C LEU B 353 16.53 6.59 16.55
N TYR B 354 15.22 6.80 16.43
CA TYR B 354 14.67 8.13 16.62
C TYR B 354 14.49 8.54 18.08
N HIS B 355 14.91 7.69 19.01
CA HIS B 355 14.79 8.04 20.42
C HIS B 355 15.90 9.04 20.74
N TRP B 356 15.73 10.26 20.24
CA TRP B 356 16.69 11.35 20.40
C TRP B 356 16.50 12.18 21.66
N HIS B 357 16.36 11.52 22.80
CA HIS B 357 16.15 12.23 24.06
C HIS B 357 17.28 13.15 24.52
N PRO B 358 18.54 12.85 24.17
CA PRO B 358 19.61 13.74 24.62
C PRO B 358 19.37 15.17 24.10
N LEU B 359 18.39 15.33 23.22
CA LEU B 359 18.07 16.62 22.65
C LEU B 359 17.47 17.51 23.73
N LEU B 360 16.77 16.88 24.66
CA LEU B 360 16.11 17.62 25.71
C LEU B 360 17.03 18.35 26.66
N PRO B 361 16.72 19.62 26.97
CA PRO B 361 17.53 20.43 27.87
C PRO B 361 17.22 20.01 29.30
N ASP B 362 17.93 20.59 30.27
CA ASP B 362 17.68 20.23 31.66
C ASP B 362 16.48 21.01 32.19
N THR B 363 16.25 22.18 31.61
CA THR B 363 15.10 23.02 31.98
C THR B 363 14.63 23.71 30.71
N PHE B 364 13.39 24.17 30.73
CA PHE B 364 12.85 24.85 29.57
C PHE B 364 12.66 26.31 29.92
N ASN B 365 13.37 27.17 29.21
CA ASN B 365 13.30 28.59 29.46
C ASN B 365 12.38 29.32 28.51
N ILE B 366 11.27 29.80 29.05
CA ILE B 366 10.30 30.58 28.28
C ILE B 366 10.29 31.95 28.91
N GLU B 367 10.70 32.94 28.14
CA GLU B 367 10.76 34.29 28.64
C GLU B 367 11.77 34.32 29.78
N ASP B 368 11.32 34.75 30.95
CA ASP B 368 12.20 34.83 32.10
C ASP B 368 12.10 33.60 32.97
N GLN B 369 10.99 32.89 32.85
CA GLN B 369 10.79 31.69 33.65
C GLN B 369 11.62 30.55 33.12
N GLU B 370 11.96 29.64 34.01
CA GLU B 370 12.74 28.48 33.67
C GLU B 370 11.96 27.34 34.34
N TYR B 371 11.51 26.38 33.55
CA TYR B 371 10.74 25.28 34.09
C TYR B 371 11.43 23.93 34.07
N SER B 372 11.13 23.14 35.09
CA SER B 372 11.68 21.81 35.22
C SER B 372 10.80 20.91 34.38
N PHE B 373 11.24 19.68 34.18
CA PHE B 373 10.46 18.73 33.41
C PHE B 373 9.10 18.56 34.04
N LYS B 374 9.10 18.55 35.38
CA LYS B 374 7.87 18.37 36.14
C LYS B 374 6.81 19.43 35.89
N GLN B 375 7.20 20.70 35.90
CA GLN B 375 6.21 21.76 35.67
C GLN B 375 6.05 22.11 34.19
N PHE B 376 6.62 21.29 33.32
CA PHE B 376 6.54 21.57 31.89
C PHE B 376 5.96 20.41 31.11
N LEU B 377 5.20 19.58 31.79
CA LEU B 377 4.55 18.44 31.15
C LEU B 377 3.23 18.29 31.84
N TYR B 378 2.16 18.42 31.07
CA TYR B 378 0.79 18.33 31.57
C TYR B 378 0.26 19.74 31.89
N ASN B 379 1.11 20.75 31.79
CA ASN B 379 0.66 22.11 32.09
C ASN B 379 0.45 23.03 30.89
N ASN B 380 -0.76 23.00 30.32
CA ASN B 380 -1.10 23.82 29.16
C ASN B 380 -1.13 25.32 29.48
N SER B 381 -1.28 25.66 30.76
CA SER B 381 -1.37 27.08 31.13
C SER B 381 -0.15 27.89 30.78
N ILE B 382 1.01 27.25 30.76
CA ILE B 382 2.25 27.94 30.43
C ILE B 382 2.12 28.52 29.02
N LEU B 383 1.53 27.73 28.12
CA LEU B 383 1.35 28.18 26.74
C LEU B 383 0.41 29.36 26.66
N LEU B 384 -0.72 29.26 27.35
CA LEU B 384 -1.70 30.35 27.34
C LEU B 384 -1.13 31.56 28.08
N GLU B 385 -0.30 31.29 29.08
CA GLU B 385 0.33 32.31 29.87
C GLU B 385 1.31 33.16 29.06
N HIS B 386 2.18 32.49 28.32
CA HIS B 386 3.17 33.20 27.52
C HIS B 386 2.69 33.53 26.13
N GLY B 387 1.92 32.62 25.54
CA GLY B 387 1.42 32.85 24.20
C GLY B 387 2.36 32.21 23.20
N LEU B 388 1.85 31.94 22.01
CA LEU B 388 2.62 31.30 20.94
C LEU B 388 3.83 32.13 20.52
N THR B 389 3.67 33.45 20.47
CA THR B 389 4.77 34.32 20.07
C THR B 389 5.99 34.18 20.98
N GLN B 390 5.75 34.26 22.28
CA GLN B 390 6.82 34.13 23.25
C GLN B 390 7.38 32.72 23.20
N PHE B 391 6.51 31.74 23.08
CA PHE B 391 6.98 30.36 22.99
C PHE B 391 7.94 30.18 21.83
N VAL B 392 7.62 30.77 20.67
CA VAL B 392 8.45 30.67 19.47
C VAL B 392 9.79 31.38 19.64
N GLU B 393 9.73 32.60 20.16
CA GLU B 393 10.93 33.40 20.37
C GLU B 393 11.85 32.68 21.33
N SER B 394 11.26 32.11 22.38
CA SER B 394 12.03 31.38 23.39
C SER B 394 12.60 30.05 22.86
N PHE B 395 11.76 29.27 22.19
CA PHE B 395 12.20 27.98 21.65
C PHE B 395 13.21 28.16 20.55
N THR B 396 13.15 29.28 19.87
CA THR B 396 14.10 29.52 18.81
C THR B 396 15.49 29.80 19.41
N ARG B 397 15.50 30.44 20.57
CA ARG B 397 16.74 30.79 21.28
C ARG B 397 17.39 29.65 22.04
N GLN B 398 16.60 28.80 22.67
CA GLN B 398 17.16 27.70 23.44
C GLN B 398 17.76 26.57 22.62
N ILE B 399 19.03 26.26 22.89
CA ILE B 399 19.76 25.20 22.22
C ILE B 399 19.39 23.83 22.75
N ALA B 400 19.49 22.82 21.89
CA ALA B 400 19.18 21.45 22.26
C ALA B 400 20.48 20.70 22.52
N GLY B 401 20.37 19.56 23.20
CA GLY B 401 21.57 18.79 23.50
C GLY B 401 22.01 17.93 22.33
N ARG B 402 23.28 17.56 22.31
CA ARG B 402 23.82 16.69 21.27
C ARG B 402 23.33 15.29 21.54
N VAL B 403 23.11 14.55 20.44
CA VAL B 403 22.60 13.22 20.51
C VAL B 403 23.69 12.17 20.52
N ALA B 404 24.49 12.14 19.45
CA ALA B 404 25.64 11.23 19.42
C ALA B 404 26.53 11.78 20.51
N GLY B 405 27.77 11.31 20.61
CA GLY B 405 28.63 11.82 21.65
C GLY B 405 28.76 11.04 22.94
N GLY B 406 27.62 10.63 23.52
CA GLY B 406 27.68 9.88 24.74
C GLY B 406 27.27 10.69 25.96
N ARG B 407 26.80 9.99 26.97
CA ARG B 407 26.37 10.65 28.21
C ARG B 407 25.70 12.01 28.05
N ASN B 408 24.50 12.05 27.45
CA ASN B 408 23.78 13.31 27.30
C ASN B 408 22.28 13.11 27.44
N VAL B 409 21.89 11.97 27.98
CA VAL B 409 20.47 11.69 28.19
C VAL B 409 20.07 12.25 29.57
N PRO B 410 19.16 13.24 29.59
CA PRO B 410 18.71 13.85 30.84
C PRO B 410 18.23 12.78 31.82
N ILE B 411 18.72 12.81 33.05
CA ILE B 411 18.32 11.84 34.05
C ILE B 411 16.79 11.84 34.23
N ALA B 412 16.17 12.99 34.04
CA ALA B 412 14.73 13.11 34.18
C ALA B 412 13.96 12.20 33.25
N VAL B 413 14.64 11.69 32.23
CA VAL B 413 13.99 10.83 31.26
C VAL B 413 14.71 9.51 31.07
N GLN B 414 15.47 9.11 32.07
CA GLN B 414 16.24 7.89 32.01
C GLN B 414 15.43 6.61 31.84
N ALA B 415 14.23 6.56 32.40
CA ALA B 415 13.42 5.35 32.27
C ALA B 415 13.08 5.13 30.80
N VAL B 416 12.92 6.23 30.08
CA VAL B 416 12.61 6.14 28.66
C VAL B 416 13.82 5.57 27.94
N ALA B 417 15.02 6.00 28.31
CA ALA B 417 16.21 5.49 27.66
C ALA B 417 16.45 4.02 28.01
N LYS B 418 16.06 3.61 29.21
CA LYS B 418 16.25 2.21 29.62
C LYS B 418 15.27 1.32 28.86
N ALA B 419 14.07 1.84 28.64
CA ALA B 419 13.03 1.12 27.90
C ALA B 419 13.49 0.86 26.47
N SER B 420 14.12 1.85 25.84
CA SER B 420 14.60 1.65 24.49
C SER B 420 15.52 0.45 24.47
N ILE B 421 16.36 0.35 25.50
CA ILE B 421 17.30 -0.76 25.57
C ILE B 421 16.56 -2.06 25.81
N ASP B 422 15.75 -2.06 26.85
CA ASP B 422 14.98 -3.21 27.24
C ASP B 422 14.05 -3.68 26.13
N GLN B 423 13.32 -2.77 25.53
CA GLN B 423 12.39 -3.12 24.47
C GLN B 423 13.07 -3.65 23.22
N SER B 424 14.21 -3.09 22.84
CA SER B 424 14.94 -3.56 21.67
C SER B 424 15.31 -5.02 21.88
N ARG B 425 15.68 -5.33 23.13
CA ARG B 425 16.05 -6.69 23.49
C ARG B 425 14.83 -7.59 23.39
N GLU B 426 13.70 -7.08 23.83
CA GLU B 426 12.44 -7.81 23.79
C GLU B 426 12.13 -8.22 22.37
N MET B 427 12.20 -7.26 21.45
CA MET B 427 11.93 -7.49 20.04
C MET B 427 13.07 -8.20 19.35
N LYS B 428 13.97 -8.77 20.15
CA LYS B 428 15.12 -9.52 19.67
C LYS B 428 15.87 -8.92 18.49
N TYR B 429 16.29 -7.66 18.68
CA TYR B 429 17.04 -6.92 17.68
C TYR B 429 18.41 -7.55 17.48
N GLN B 430 18.93 -7.46 16.26
CA GLN B 430 20.26 -7.99 16.00
C GLN B 430 21.28 -6.95 16.43
N SER B 431 22.54 -7.34 16.50
CA SER B 431 23.60 -6.44 16.94
C SER B 431 23.80 -5.19 16.10
N LEU B 432 24.57 -4.26 16.65
CA LEU B 432 24.83 -3.01 15.96
C LEU B 432 25.55 -3.29 14.65
N ASN B 433 26.52 -4.19 14.70
CA ASN B 433 27.30 -4.52 13.51
C ASN B 433 26.48 -5.20 12.42
N GLU B 434 25.45 -5.94 12.79
CA GLU B 434 24.61 -6.60 11.81
C GLU B 434 23.83 -5.52 11.08
N TYR B 435 23.36 -4.52 11.82
CA TYR B 435 22.60 -3.44 11.22
C TYR B 435 23.50 -2.55 10.37
N ARG B 436 24.75 -2.42 10.79
CA ARG B 436 25.70 -1.61 10.03
C ARG B 436 25.92 -2.29 8.67
N LYS B 437 26.12 -3.59 8.68
CA LYS B 437 26.31 -4.32 7.43
C LYS B 437 25.02 -4.18 6.62
N ARG B 438 23.89 -4.35 7.30
CA ARG B 438 22.59 -4.25 6.65
C ARG B 438 22.49 -2.97 5.87
N PHE B 439 23.21 -1.95 6.31
CA PHE B 439 23.12 -0.69 5.58
C PHE B 439 24.39 -0.29 4.85
N SER B 440 25.16 -1.30 4.45
CA SER B 440 26.40 -1.10 3.70
C SER B 440 27.49 -0.32 4.41
N LEU B 441 27.49 -0.43 5.73
CA LEU B 441 28.47 0.25 6.56
C LEU B 441 29.49 -0.79 7.07
N LYS B 442 30.71 -0.36 7.29
CA LYS B 442 31.73 -1.28 7.75
C LYS B 442 31.53 -1.52 9.22
N PRO B 443 31.51 -2.79 9.63
CA PRO B 443 31.33 -3.06 11.05
C PRO B 443 32.50 -2.49 11.87
N TYR B 444 32.23 -2.15 13.10
CA TYR B 444 33.27 -1.61 13.97
C TYR B 444 34.07 -2.79 14.50
N THR B 445 35.38 -2.61 14.62
CA THR B 445 36.28 -3.66 15.10
C THR B 445 36.67 -3.48 16.56
N SER B 446 36.25 -2.37 17.15
CA SER B 446 36.55 -2.09 18.54
C SER B 446 35.66 -0.98 19.08
N PHE B 447 35.40 -1.03 20.38
CA PHE B 447 34.56 -0.01 21.01
C PHE B 447 35.20 1.36 20.90
N GLU B 448 36.53 1.41 20.83
CA GLU B 448 37.22 2.69 20.72
C GLU B 448 36.92 3.23 19.33
N GLU B 449 36.80 2.35 18.37
CA GLU B 449 36.52 2.80 17.01
C GLU B 449 35.13 3.41 16.96
N LEU B 450 34.23 2.80 17.71
CA LEU B 450 32.85 3.26 17.76
C LEU B 450 32.69 4.64 18.37
N THR B 451 33.22 4.81 19.58
CA THR B 451 33.10 6.07 20.31
C THR B 451 34.09 7.14 19.89
N GLY B 452 35.24 6.71 19.37
CA GLY B 452 36.27 7.66 18.98
C GLY B 452 37.02 8.18 20.21
N GLU B 453 36.94 7.46 21.32
CA GLU B 453 37.61 7.86 22.56
C GLU B 453 37.94 6.62 23.37
N LYS B 454 38.40 6.79 24.62
CA LYS B 454 38.78 5.65 25.45
C LYS B 454 37.96 5.34 26.71
N GLU B 455 37.55 6.37 27.45
CA GLU B 455 36.81 6.12 28.68
C GLU B 455 35.53 5.31 28.49
N MET B 456 34.59 5.83 27.71
CA MET B 456 33.35 5.13 27.46
C MET B 456 33.60 3.81 26.75
N ALA B 457 34.48 3.82 25.77
CA ALA B 457 34.78 2.62 25.02
C ALA B 457 35.19 1.51 25.98
N ALA B 458 36.05 1.86 26.93
CA ALA B 458 36.53 0.89 27.89
C ALA B 458 35.41 0.38 28.77
N GLU B 459 34.50 1.27 29.18
CA GLU B 459 33.38 0.85 30.02
C GLU B 459 32.49 -0.09 29.20
N LEU B 460 32.34 0.21 27.91
CA LEU B 460 31.52 -0.62 27.03
C LEU B 460 32.20 -1.97 26.87
N LYS B 461 33.50 -1.96 26.61
CA LYS B 461 34.23 -3.20 26.44
C LYS B 461 34.04 -4.08 27.67
N ALA B 462 34.11 -3.46 28.85
CA ALA B 462 33.94 -4.18 30.10
C ALA B 462 32.58 -4.85 30.16
N LEU B 463 31.54 -4.13 29.77
CA LEU B 463 30.16 -4.66 29.81
C LEU B 463 29.80 -5.67 28.73
N TYR B 464 30.23 -5.40 27.49
CA TYR B 464 29.90 -6.27 26.36
C TYR B 464 30.95 -7.29 25.95
N SER B 465 32.22 -6.95 26.19
CA SER B 465 33.35 -7.83 25.85
C SER B 465 33.70 -7.85 24.36
N ASP B 466 32.69 -8.09 23.54
CA ASP B 466 32.87 -8.18 22.09
C ASP B 466 32.10 -7.03 21.42
N ILE B 467 32.75 -6.35 20.48
CA ILE B 467 32.12 -5.25 19.77
C ILE B 467 30.95 -5.79 18.93
N ASP B 468 31.08 -7.02 18.48
CA ASP B 468 30.08 -7.68 17.65
C ASP B 468 28.80 -8.02 18.41
N VAL B 469 28.78 -7.72 19.69
CA VAL B 469 27.62 -7.98 20.51
C VAL B 469 27.03 -6.65 20.99
N MET B 470 27.70 -5.56 20.60
CA MET B 470 27.25 -4.23 20.97
C MET B 470 25.86 -4.01 20.38
N GLU B 471 25.01 -3.31 21.14
CA GLU B 471 23.64 -3.02 20.73
C GLU B 471 23.49 -1.72 19.96
N LEU B 472 22.54 -1.70 19.03
CA LEU B 472 22.28 -0.56 18.17
C LEU B 472 21.90 0.75 18.85
N TYR B 473 20.86 0.71 19.68
CA TYR B 473 20.41 1.93 20.35
C TYR B 473 21.46 2.66 21.19
N PRO B 474 22.10 1.94 22.12
CA PRO B 474 23.12 2.58 22.96
C PRO B 474 24.26 3.10 22.09
N ALA B 475 24.65 2.27 21.13
CA ALA B 475 25.72 2.64 20.23
C ALA B 475 25.41 3.96 19.53
N LEU B 476 24.16 4.16 19.12
CA LEU B 476 23.81 5.40 18.42
C LEU B 476 24.02 6.65 19.27
N LEU B 477 23.79 6.54 20.58
CA LEU B 477 23.93 7.66 21.51
C LEU B 477 25.36 7.84 22.04
N VAL B 478 26.24 6.91 21.70
CA VAL B 478 27.61 6.96 22.16
C VAL B 478 28.59 7.07 20.99
N GLU B 479 28.09 6.84 19.79
CA GLU B 479 28.91 6.89 18.60
C GLU B 479 29.66 8.21 18.41
N LYS B 480 30.86 8.10 17.88
CA LYS B 480 31.68 9.27 17.64
C LYS B 480 30.91 10.13 16.64
N PRO B 481 30.52 11.34 17.05
CA PRO B 481 29.78 12.17 16.10
C PRO B 481 30.67 12.50 14.92
N ARG B 482 30.10 13.14 13.91
CA ARG B 482 30.89 13.55 12.77
C ARG B 482 31.43 14.91 13.15
N PRO B 483 32.40 15.43 12.40
CA PRO B 483 32.97 16.74 12.71
C PRO B 483 31.96 17.80 13.09
N ASP B 484 31.87 18.07 14.39
CA ASP B 484 30.97 19.08 14.92
C ASP B 484 29.52 18.85 14.56
N ALA B 485 29.16 17.59 14.41
CA ALA B 485 27.80 17.20 14.05
C ALA B 485 27.06 16.67 15.24
N ILE B 486 25.74 16.58 15.11
CA ILE B 486 24.89 16.06 16.17
C ILE B 486 24.84 14.52 16.14
N PHE B 487 25.04 13.93 14.96
CA PHE B 487 25.00 12.48 14.81
C PHE B 487 26.27 11.84 14.27
N GLY B 488 26.33 10.51 14.39
CA GLY B 488 27.45 9.76 13.88
C GLY B 488 26.99 9.05 12.61
N GLU B 489 27.89 8.36 11.93
CA GLU B 489 27.54 7.68 10.69
C GLU B 489 26.30 6.77 10.71
N THR B 490 26.25 5.87 11.68
CA THR B 490 25.16 4.93 11.78
C THR B 490 23.78 5.56 11.83
N MET B 491 23.64 6.64 12.58
CA MET B 491 22.35 7.28 12.70
C MET B 491 21.87 7.83 11.36
N VAL B 492 22.76 8.53 10.65
CA VAL B 492 22.40 9.12 9.38
C VAL B 492 22.10 8.08 8.32
N GLU B 493 22.97 7.08 8.22
CA GLU B 493 22.81 6.06 7.21
C GLU B 493 21.62 5.10 7.38
N LEU B 494 21.15 4.91 8.60
CA LEU B 494 19.99 4.04 8.79
C LEU B 494 18.73 4.88 8.67
N GLY B 495 18.75 6.08 9.23
CA GLY B 495 17.58 6.93 9.20
C GLY B 495 17.19 7.56 7.88
N ALA B 496 18.20 7.94 7.08
CA ALA B 496 17.96 8.57 5.79
C ALA B 496 17.05 7.72 4.88
N PRO B 497 17.37 6.43 4.68
CA PRO B 497 16.53 5.57 3.84
C PRO B 497 15.10 5.44 4.36
N PHE B 498 14.93 5.34 5.68
CA PHE B 498 13.60 5.21 6.27
C PHE B 498 12.81 6.47 6.05
N SER B 499 13.50 7.61 6.17
CA SER B 499 12.88 8.92 5.98
C SER B 499 12.44 9.17 4.54
N LEU B 500 13.33 8.91 3.59
CA LEU B 500 13.01 9.10 2.19
C LEU B 500 11.74 8.33 1.81
N LYS B 501 11.63 7.10 2.27
CA LYS B 501 10.47 6.26 1.97
C LYS B 501 9.21 6.83 2.60
N GLY B 502 9.34 7.36 3.80
CA GLY B 502 8.20 7.93 4.49
C GLY B 502 7.78 9.25 3.89
N LEU B 503 8.72 9.97 3.33
CA LEU B 503 8.45 11.28 2.73
C LEU B 503 8.06 11.19 1.26
N MET B 504 8.95 10.64 0.43
CA MET B 504 8.68 10.51 -1.01
C MET B 504 7.69 9.40 -1.34
N GLY B 505 7.56 8.43 -0.45
CA GLY B 505 6.64 7.32 -0.69
C GLY B 505 5.19 7.68 -0.48
N ASN B 506 4.90 8.92 -0.12
CA ASN B 506 3.52 9.38 0.10
C ASN B 506 2.80 9.44 -1.26
N PRO B 507 1.53 9.03 -1.30
CA PRO B 507 0.77 9.07 -2.55
C PRO B 507 0.77 10.41 -3.28
N ILE B 508 0.75 11.51 -2.55
CA ILE B 508 0.74 12.81 -3.20
C ILE B 508 2.04 13.07 -3.96
N CYS B 509 3.03 12.19 -3.79
CA CYS B 509 4.31 12.37 -4.47
C CYS B 509 4.31 11.61 -5.79
N SER B 510 3.30 10.76 -5.97
CA SER B 510 3.17 9.96 -7.20
C SER B 510 2.66 10.81 -8.34
N PRO B 511 3.00 10.42 -9.57
CA PRO B 511 2.58 11.19 -10.75
C PRO B 511 1.09 11.54 -10.82
N GLN B 512 0.20 10.55 -10.60
CA GLN B 512 -1.23 10.83 -10.68
C GLN B 512 -1.71 11.88 -9.68
N TYR B 513 -0.98 12.04 -8.58
CA TYR B 513 -1.37 13.02 -7.57
C TYR B 513 -0.62 14.33 -7.70
N TRP B 514 0.67 14.25 -8.02
CA TRP B 514 1.50 15.44 -8.12
C TRP B 514 1.16 16.38 -9.27
N LYS B 515 0.02 17.05 -9.17
CA LYS B 515 -0.41 18.00 -10.19
C LYS B 515 -1.28 19.05 -9.52
N PRO B 516 -1.28 20.28 -10.05
CA PRO B 516 -2.05 21.37 -9.48
C PRO B 516 -3.50 21.05 -9.11
N SER B 517 -4.24 20.44 -10.03
CA SER B 517 -5.63 20.14 -9.76
C SER B 517 -5.87 19.34 -8.50
N THR B 518 -4.88 18.57 -8.05
CA THR B 518 -5.04 17.77 -6.84
C THR B 518 -5.15 18.65 -5.59
N PHE B 519 -4.57 19.85 -5.66
CA PHE B 519 -4.57 20.74 -4.53
C PHE B 519 -5.39 21.99 -4.75
N GLY B 520 -6.41 21.86 -5.60
CA GLY B 520 -7.30 22.98 -5.87
C GLY B 520 -6.76 24.02 -6.83
N GLY B 521 -5.68 23.68 -7.54
CA GLY B 521 -5.12 24.62 -8.49
C GLY B 521 -3.72 25.12 -8.16
N GLU B 522 -3.25 26.03 -9.02
CA GLU B 522 -1.94 26.63 -8.89
C GLU B 522 -1.73 27.29 -7.55
N VAL B 523 -2.77 27.94 -7.03
CA VAL B 523 -2.67 28.61 -5.74
C VAL B 523 -2.33 27.60 -4.65
N GLY B 524 -3.15 26.57 -4.50
CA GLY B 524 -2.92 25.55 -3.48
C GLY B 524 -1.60 24.83 -3.69
N PHE B 525 -1.24 24.64 -4.93
CA PHE B 525 0.01 23.96 -5.25
C PHE B 525 1.20 24.81 -4.80
N LYS B 526 1.05 26.12 -4.89
CA LYS B 526 2.13 27.02 -4.49
C LYS B 526 2.33 26.99 -3.00
N ILE B 527 1.25 26.81 -2.25
CA ILE B 527 1.37 26.75 -0.79
C ILE B 527 2.37 25.65 -0.44
N ILE B 528 2.22 24.51 -1.09
CA ILE B 528 3.10 23.39 -0.83
C ILE B 528 4.54 23.69 -1.24
N ASN B 529 4.70 24.21 -2.44
CA ASN B 529 6.02 24.49 -2.98
C ASN B 529 6.78 25.68 -2.45
N THR B 530 6.15 26.51 -1.62
CA THR B 530 6.85 27.64 -1.06
C THR B 530 6.86 27.53 0.46
N ALA B 531 6.37 26.41 0.97
CA ALA B 531 6.29 26.18 2.41
C ALA B 531 7.66 26.11 3.13
N SER B 532 7.72 26.69 4.32
CA SER B 532 8.94 26.66 5.12
C SER B 532 8.54 26.82 6.59
N ILE B 533 9.44 26.47 7.49
CA ILE B 533 9.11 26.58 8.91
C ILE B 533 8.90 28.05 9.30
N GLN B 534 9.56 28.97 8.60
CA GLN B 534 9.40 30.38 8.91
C GLN B 534 8.03 30.88 8.46
N SER B 535 7.58 30.43 7.29
CA SER B 535 6.27 30.84 6.77
C SER B 535 5.16 30.31 7.65
N LEU B 536 5.29 29.04 8.02
CA LEU B 536 4.29 28.41 8.86
C LEU B 536 4.06 29.20 10.13
N ILE B 537 5.14 29.63 10.75
CA ILE B 537 5.05 30.39 11.98
C ILE B 537 4.62 31.82 11.68
N CYS B 538 5.25 32.43 10.70
CA CYS B 538 4.92 33.79 10.34
C CYS B 538 3.44 33.97 10.07
N ASN B 539 2.88 33.07 9.26
CA ASN B 539 1.48 33.13 8.89
C ASN B 539 0.54 32.82 10.01
N ASN B 540 1.01 32.08 11.01
CA ASN B 540 0.12 31.67 12.09
C ASN B 540 0.43 32.09 13.50
N VAL B 541 1.48 32.89 13.67
CA VAL B 541 1.85 33.33 15.00
C VAL B 541 1.84 34.84 14.99
N LYS B 542 1.06 35.43 15.89
CA LYS B 542 0.95 36.87 15.97
C LYS B 542 2.34 37.50 16.02
N GLY B 543 2.58 38.47 15.14
CA GLY B 543 3.86 39.14 15.12
C GLY B 543 4.86 38.56 14.13
N CYS B 544 4.56 37.38 13.61
CA CYS B 544 5.47 36.76 12.68
C CYS B 544 6.88 36.77 13.24
N PRO B 545 7.12 36.07 14.38
CA PRO B 545 8.46 36.04 14.96
C PRO B 545 9.42 35.31 14.05
N PHE B 546 10.68 35.70 14.11
CA PHE B 546 11.64 35.02 13.28
C PHE B 546 11.80 33.64 13.88
N THR B 547 12.11 32.65 13.04
CA THR B 547 12.31 31.32 13.54
C THR B 547 13.12 30.46 12.61
N SER B 548 13.68 29.39 13.15
CA SER B 548 14.47 28.45 12.38
C SER B 548 14.75 27.26 13.29
N PHE B 549 15.37 26.21 12.76
CA PHE B 549 15.66 25.03 13.56
C PHE B 549 17.00 25.11 14.27
N ASN B 550 17.76 26.15 13.98
CA ASN B 550 19.05 26.34 14.65
C ASN B 550 19.05 27.61 15.45
N VAL B 551 19.91 27.64 16.46
CA VAL B 551 20.03 28.79 17.33
C VAL B 551 20.89 29.81 16.60
N GLN B 552 20.27 30.71 15.85
CA GLN B 552 20.97 31.75 15.09
C GLN B 552 22.45 31.47 14.76
N THR C 1 11.17 34.23 4.04
CA THR C 1 11.87 35.56 4.08
C THR C 1 10.91 36.69 3.70
N LYS C 2 10.50 36.72 2.43
CA LYS C 2 9.61 37.76 1.94
C LYS C 2 8.39 38.04 2.85
N THR C 3 7.77 36.97 3.33
CA THR C 3 6.59 37.06 4.21
C THR C 3 7.00 37.65 5.57
N ALA C 4 8.11 37.17 6.11
CA ALA C 4 8.58 37.62 7.41
C ALA C 4 8.82 39.13 7.37
N THR C 5 9.46 39.59 6.29
CA THR C 5 9.76 40.99 6.13
C THR C 5 8.57 41.95 6.14
N ILE C 6 7.55 41.62 5.36
CA ILE C 6 6.37 42.48 5.30
C ILE C 6 5.44 42.32 6.49
N ASN C 7 5.32 41.09 6.98
CA ASN C 7 4.44 40.81 8.09
C ASN C 7 4.98 41.32 9.41
N ALA C 8 6.31 41.32 9.51
CA ALA C 8 6.96 41.82 10.72
C ALA C 8 6.92 43.32 10.77
N SER C 9 6.88 44.04 9.66
CA SER C 9 6.86 45.47 9.69
C SER C 9 5.98 46.42 10.51
C1 NAG D . -13.58 22.63 -24.74
C2 NAG D . -13.90 23.35 -26.08
C3 NAG D . -15.21 24.17 -25.97
C4 NAG D . -16.35 23.35 -25.32
C5 NAG D . -15.86 22.73 -24.00
C6 NAG D . -16.89 21.87 -23.26
C7 NAG D . -11.91 24.04 -27.31
C8 NAG D . -10.80 25.06 -27.49
N2 NAG D . -12.80 24.27 -26.34
O3 NAG D . -15.60 24.61 -27.26
O4 NAG D . -17.49 24.21 -25.04
O5 NAG D . -14.73 21.90 -24.28
O6 NAG D . -17.26 20.74 -24.03
O7 NAG D . -11.98 23.08 -28.05
C1 NAG D . -18.64 24.07 -25.83
C2 NAG D . -19.85 24.69 -25.10
C3 NAG D . -21.09 24.45 -25.98
C4 NAG D . -20.86 25.13 -27.36
C5 NAG D . -19.51 24.73 -28.01
C6 NAG D . -19.12 25.69 -29.12
C7 NAG D . -20.27 22.89 -23.49
C8 NAG D . -20.46 22.53 -22.00
N2 NAG D . -20.04 24.18 -23.74
O3 NAG D . -22.25 24.97 -25.35
O4 NAG D . -21.92 24.76 -28.24
O5 NAG D . -18.40 24.79 -27.04
O6 NAG D . -18.79 26.97 -28.60
O7 NAG D . -20.34 22.01 -24.37
C1 NAG E . -14.49 4.42 5.24
C2 NAG E . -14.43 4.46 6.76
C3 NAG E . -15.76 4.07 7.37
C4 NAG E . -16.87 4.89 6.73
C5 NAG E . -16.84 4.75 5.23
C6 NAG E . -17.90 5.59 4.53
C7 NAG E . -12.39 3.96 7.96
C8 NAG E . -11.38 2.91 8.35
N2 NAG E . -13.41 3.54 7.22
O3 NAG E . -15.73 4.30 8.77
O4 NAG E . -18.12 4.41 7.18
O5 NAG E . -15.58 5.21 4.75
O6 NAG E . -17.85 6.94 4.95
O7 NAG E . -12.27 5.12 8.31
C1 NAG E . -18.98 5.37 7.60
C2 NAG E . -20.25 4.73 7.94
C3 NAG E . -21.22 5.63 8.71
C4 NAG E . -20.54 6.20 9.93
C5 NAG E . -19.22 6.85 9.55
C6 NAG E . -18.42 7.32 10.77
C7 NAG E . -20.69 2.69 6.79
C8 NAG E . -21.29 1.88 8.06
N2 NAG E . -21.10 3.90 7.12
O3 NAG E . -22.42 4.91 9.05
O4 NAG E . -21.37 7.21 10.59
O5 NAG E . -18.39 5.89 8.83
O6 NAG E . -18.01 6.22 11.58
O7 NAG E . -21.03 2.21 5.69
C1 MAN E . -21.12 7.30 11.97
C2 MAN E . -21.63 6.05 12.76
C3 MAN E . -23.10 6.15 13.08
C4 MAN E . -23.36 7.46 13.82
C5 MAN E . -22.91 8.70 13.04
C6 MAN E . -22.99 10.06 13.86
O2 MAN E . -20.89 5.84 13.96
O3 MAN E . -23.49 5.05 13.89
O4 MAN E . -24.74 7.59 14.07
O5 MAN E . -21.54 8.59 12.53
O6 MAN E . -21.91 10.49 14.76
C1 MAN E . -22.52 10.49 16.14
C2 MAN E . -22.83 11.83 16.85
C3 MAN E . -22.14 11.91 18.28
C4 MAN E . -22.30 10.61 19.11
C5 MAN E . -22.00 9.33 18.18
C6 MAN E . -22.17 7.97 18.87
O2 MAN E . -24.26 11.81 17.03
O3 MAN E . -22.67 13.02 18.99
O4 MAN E . -21.35 10.67 20.23
O5 MAN E . -22.77 9.33 16.90
O6 MAN E . -21.21 7.78 19.93
C1 NAG F . 30.16 -19.66 5.62
C2 NAG F . 31.63 -20.12 5.64
C3 NAG F . 31.86 -21.15 6.75
C4 NAG F . 31.27 -20.68 8.11
C5 NAG F . 29.80 -20.26 7.91
C6 NAG F . 29.08 -19.76 9.15
C7 NAG F . 32.70 -20.17 3.45
C8 NAG F . 32.88 -20.98 2.17
N2 NAG F . 31.92 -20.75 4.37
O3 NAG F . 33.26 -21.37 6.89
O4 NAG F . 31.34 -21.75 9.08
O5 NAG F . 29.75 -19.21 6.93
O6 NAG F . 29.66 -18.56 9.65
O7 NAG F . 33.24 -19.05 3.62
C1 NAG F . 32.25 -21.63 10.14
C2 NAG F . 31.85 -22.57 11.30
C3 NAG F . 32.84 -22.32 12.44
C4 NAG F . 34.27 -22.65 11.96
C5 NAG F . 34.63 -21.93 10.62
C6 NAG F . 35.84 -22.56 9.95
C7 NAG F . 30.01 -21.25 12.22
C8 NAG F . 28.53 -21.25 12.60
N2 NAG F . 30.47 -22.40 11.71
O3 NAG F . 32.49 -23.15 13.56
O4 NAG F . 35.19 -22.27 12.96
O5 NAG F . 33.55 -22.01 9.64
O6 NAG F . 35.52 -23.85 9.44
O7 NAG F . 30.72 -20.24 12.36
C1 NAG G . -2.23 -8.71 13.54
C2 NAG G . -3.73 -9.08 13.63
C3 NAG G . -4.20 -9.09 15.10
C4 NAG G . -3.25 -9.95 15.91
C5 NAG G . -1.82 -9.49 15.77
C6 NAG G . -0.82 -10.34 16.56
C7 NAG G . -5.28 -8.50 11.87
C8 NAG G . -5.97 -7.34 11.20
N2 NAG G . -4.48 -8.12 12.88
O3 NAG G . -5.51 -9.65 15.19
O4 NAG G . -3.61 -9.85 17.29
O5 NAG G . -1.44 -9.57 14.39
O6 NAG G . -0.96 -11.72 16.22
O7 NAG G . -5.44 -9.68 11.52
C1 NAG G . -3.67 -11.02 17.94
C2 NAG G . -3.90 -10.75 19.39
C3 NAG G . -4.31 -11.95 20.20
C4 NAG G . -5.50 -12.61 19.57
C5 NAG G . -5.22 -12.92 18.10
C6 NAG G . -6.43 -13.50 17.36
C7 NAG G . -3.13 -8.60 20.10
C8 NAG G . -4.43 -8.14 20.87
N2 NAG G . -3.17 -9.90 20.31
O3 NAG G . -4.60 -11.54 21.57
O4 NAG G . -5.88 -13.80 20.27
O5 NAG G . -4.85 -11.69 17.42
O6 NAG G . -7.48 -12.54 17.28
O7 NAG G . -2.12 -7.95 20.42
C1 MAN G . -7.24 -14.08 20.13
C2 MAN G . -8.11 -13.07 20.96
C3 MAN G . -8.19 -13.50 22.41
C4 MAN G . -8.67 -14.96 22.48
C5 MAN G . -7.76 -15.92 21.70
C6 MAN G . -8.30 -17.40 21.61
O2 MAN G . -9.41 -12.94 20.41
O3 MAN G . -9.11 -12.65 23.08
O4 MAN G . -8.67 -15.39 23.85
O5 MAN G . -7.55 -15.48 20.34
O6 MAN G . -9.25 -17.81 20.56
C1 MAN G . -10.49 -18.19 21.29
C2 MAN G . -10.90 -19.68 21.39
C3 MAN G . -12.37 -19.93 20.85
C4 MAN G . -13.39 -18.87 21.36
C5 MAN G . -12.77 -17.39 21.23
C6 MAN G . -13.67 -16.25 21.75
O2 MAN G . -10.88 -19.97 22.81
O3 MAN G . -12.77 -21.25 21.24
O4 MAN G . -14.60 -18.98 20.55
O5 MAN G . -11.41 -17.27 21.85
O6 MAN G . -14.86 -16.12 20.96
C1 NAG H . -30.47 -32.03 -3.19
C2 NAG H . -31.87 -31.98 -3.86
C3 NAG H . -32.41 -33.36 -4.32
C4 NAG H . -31.32 -34.25 -4.94
C5 NAG H . -30.11 -34.29 -4.00
C6 NAG H . -28.96 -35.19 -4.48
C7 NAG H . -33.43 -30.29 -3.10
C8 NAG H . -34.37 -29.74 -2.05
N2 NAG H . -32.79 -31.44 -2.88
O3 NAG H . -33.44 -33.15 -5.28
O4 NAG H . -31.83 -35.56 -5.16
O5 NAG H . -29.57 -32.95 -3.86
O6 NAG H . -28.60 -34.92 -5.82
O7 NAG H . -33.29 -29.67 -4.14
C1 BOG I . -8.45 -6.06 -37.99
O1 BOG I . -7.29 -5.74 -38.77
C2 BOG I . -9.30 -4.78 -37.76
O2 BOG I . -8.51 -3.79 -37.10
C3 BOG I . -10.57 -5.15 -36.93
O3 BOG I . -11.38 -4.00 -36.72
C4 BOG I . -11.38 -6.21 -37.68
O4 BOG I . -12.55 -6.57 -36.95
C5 BOG I . -10.48 -7.45 -37.91
O5 BOG I . -9.27 -7.06 -38.65
C6 BOG I . -11.24 -8.53 -38.67
O6 BOG I . -11.00 -9.80 -38.09
C1' BOG I . -6.22 -6.65 -38.55
C2' BOG I . -5.10 -6.33 -39.51
C3' BOG I . -3.82 -6.99 -39.03
C4' BOG I . -2.63 -6.75 -39.92
C5' BOG I . -1.40 -7.44 -39.35
C6' BOG I . -0.22 -7.34 -40.27
C7' BOG I . 1.01 -8.04 -39.69
C8' BOG I . 2.20 -7.93 -40.63
C1 BOG J . -40.38 -11.34 -19.04
O1 BOG J . -40.66 -11.35 -20.44
C2 BOG J . -41.69 -11.14 -18.23
O2 BOG J . -42.32 -9.93 -18.60
C3 BOG J . -41.35 -11.14 -16.71
O3 BOG J . -42.55 -10.96 -15.95
C4 BOG J . -40.68 -12.50 -16.36
O4 BOG J . -40.36 -12.56 -14.97
C5 BOG J . -39.39 -12.67 -17.22
O5 BOG J . -39.73 -12.59 -18.64
C6 BOG J . -38.68 -14.00 -16.91
O6 BOG J . -39.49 -15.11 -17.23
C1' BOG J . -39.76 -10.55 -21.22
C2' BOG J . -39.31 -11.37 -22.40
C3' BOG J . -38.53 -12.56 -21.92
C4' BOG J . -38.06 -13.42 -23.06
C5' BOG J . -37.30 -14.61 -22.52
C6' BOG J . -37.97 -15.90 -22.93
C7' BOG J . -37.20 -17.05 -22.36
C8' BOG J . -37.81 -18.36 -22.72
C1 BOG K . -20.11 -10.57 -7.51
O1 BOG K . -19.00 -11.00 -8.33
C2 BOG K . -19.91 -11.09 -6.06
O2 BOG K . -19.79 -12.51 -6.06
C3 BOG K . -21.11 -10.62 -5.19
O3 BOG K . -20.95 -11.04 -3.85
C4 BOG K . -21.20 -9.08 -5.22
O4 BOG K . -22.31 -8.63 -4.44
C5 BOG K . -21.35 -8.61 -6.68
O5 BOG K . -20.23 -9.11 -7.49
C6 BOG K . -21.39 -7.09 -6.73
O6 BOG K . -22.53 -6.65 -7.43
C1' BOG K . -18.85 -10.27 -9.53
C2' BOG K . -18.56 -11.20 -10.69
C3' BOG K . -18.97 -12.66 -10.48
C4' BOG K . -18.63 -13.44 -11.74
C5' BOG K . -18.98 -14.90 -11.64
C6' BOG K . -19.66 -15.36 -12.93
C7' BOG K . -20.00 -16.83 -12.84
C8' BOG K . -20.68 -17.29 -14.10
C1 ACD L . -8.39 -12.04 -13.68
C2 ACD L . -8.36 -12.40 -15.18
C3 ACD L . -9.61 -11.95 -15.99
C4 ACD L . -9.64 -10.44 -16.28
C5 ACD L . -11.03 -9.96 -16.74
C6 ACD L . -11.37 -9.57 -18.00
C7 ACD L . -10.42 -9.47 -19.19
C8 ACD L . -10.78 -10.45 -20.33
C9 ACD L . -9.98 -11.36 -20.93
C10 ACD L . -8.50 -11.64 -20.65
C11 ACD L . -7.77 -11.79 -21.97
C12 ACD L . -6.64 -11.18 -22.36
C13 ACD L . -5.73 -10.22 -21.70
C14 ACD L . -4.24 -10.62 -22.00
C15 ACD L . -3.09 -10.35 -21.35
C16 ACD L . -2.86 -9.48 -20.05
C17 ACD L . -3.40 -10.23 -18.82
C18 ACD L . -2.51 -10.03 -17.59
C19 ACD L . -1.58 -11.24 -17.39
C20 ACD L . -0.66 -11.09 -16.15
O1 ACD L . -7.37 -11.59 -13.19
O2 ACD L . -9.44 -12.23 -13.01
C1 NAG M . 1.19 25.34 35.67
C2 NAG M . 1.96 25.22 36.99
C3 NAG M . 2.18 26.54 37.74
C4 NAG M . 2.56 27.66 36.77
C5 NAG M . 1.51 27.73 35.65
C6 NAG M . 1.73 28.89 34.68
C7 NAG M . 1.76 23.12 38.19
C8 NAG M . 0.81 22.32 39.10
N2 NAG M . 1.23 24.30 37.84
O3 NAG M . 3.23 26.37 38.68
O4 NAG M . 2.60 28.89 37.48
O5 NAG M . 1.56 26.50 34.89
O6 NAG M . 3.07 28.90 34.20
O7 NAG M . 2.90 22.70 37.84
C1 BOG N . 36.92 11.54 5.20
O1 BOG N . 37.57 11.73 3.95
C2 BOG N . 37.21 10.11 5.72
O2 BOG N . 36.74 9.14 4.79
C3 BOG N . 36.53 9.92 7.09
O3 BOG N . 36.82 8.62 7.60
C4 BOG N . 37.06 10.98 8.07
O4 BOG N . 36.45 10.82 9.34
C5 BOG N . 36.76 12.38 7.49
O5 BOG N . 37.38 12.51 6.17
C6 BOG N . 37.28 13.46 8.41
O6 BOG N . 36.47 14.60 8.28
C1' BOG N . 36.89 12.61 3.08
C2' BOG N . 37.88 13.21 2.12
C3' BOG N . 37.25 13.38 0.76
C4' BOG N . 38.18 13.98 -0.24
C5' BOG N . 37.48 14.11 -1.57
C6' BOG N . 37.58 15.52 -2.14
C7' BOG N . 36.85 15.60 -3.48
C8' BOG N . 36.92 17.00 -4.09
C1 BOG O . 8.22 7.34 20.69
O1 BOG O . 8.96 8.03 19.69
C2 BOG O . 6.70 7.62 20.52
O2 BOG O . 6.46 9.02 20.59
C3 BOG O . 5.92 6.85 21.60
O3 BOG O . 4.52 7.08 21.47
C4 BOG O . 6.20 5.36 21.48
O4 BOG O . 5.50 4.63 22.47
C5 BOG O . 7.72 5.10 21.62
O5 BOG O . 8.44 5.88 20.61
C6 BOG O . 8.01 3.61 21.43
O6 BOG O . 9.23 3.24 22.05
C1' BOG O . 10.32 7.64 19.63
C2' BOG O . 11.23 8.82 19.35
C3' BOG O . 10.82 10.16 19.95
C4' BOG O . 11.87 11.19 19.58
C5' BOG O . 11.57 12.58 20.11
C6' BOG O . 12.73 13.21 20.86
C7' BOG O . 12.35 14.58 21.35
C8' BOG O . 13.47 15.23 22.11
C1 ACD P . 12.59 12.27 9.16
C2 ACD P . 13.90 13.04 9.15
C3 ACD P . 14.95 12.45 10.09
C4 ACD P . 15.41 11.07 9.61
C5 ACD P . 16.20 10.32 10.66
C6 ACD P . 17.53 10.11 10.69
C7 ACD P . 18.53 10.58 9.65
C8 ACD P . 19.45 11.69 10.17
C9 ACD P . 19.81 12.82 9.53
C10 ACD P . 19.38 13.28 8.15
C11 ACD P . 20.56 13.83 7.37
C12 ACD P . 20.92 13.56 6.10
C13 ACD P . 20.26 12.70 5.06
C14 ACD P . 20.15 13.44 3.70
C15 ACD P . 19.43 13.09 2.59
C16 ACD P . 18.52 11.85 2.37
C17 ACD P . 17.08 12.27 2.72
C18 ACD P . 16.17 12.52 1.50
C19 ACD P . 14.73 12.92 1.94
C20 ACD P . 13.84 13.14 0.71
O1 ACD P . 12.19 11.75 8.09
O2 ACD P . 11.96 12.17 10.25
#